data_6BYH
#
_entry.id   6BYH
#
_cell.length_a   60.560
_cell.length_b   118.188
_cell.length_c   146.336
_cell.angle_alpha   90.00
_cell.angle_beta   90.00
_cell.angle_gamma   90.00
#
_symmetry.space_group_name_H-M   'P 21 21 21'
#
loop_
_entity.id
_entity.type
_entity.pdbx_description
1 polymer 'S-phase kinase-associated protein 1'
2 polymer 'Lysine-specific demethylase 2A'
3 polymer Polyubiquitin-B
4 water water
#
loop_
_entity_poly.entity_id
_entity_poly.type
_entity_poly.pdbx_seq_one_letter_code
_entity_poly.pdbx_strand_id
1 'polypeptide(L)'
;GAMPSIKLQSSDGEIFEVDVEIAKQSVTIKTMLEDLGMDDEGDDDPVPLPNVNAAILKKVIQWCTHHKDDPPPPEDDENK
EKRTDDIPVWDQEFLKVDQGTLFELILAANYLDIKGLLDVTCKTVANMIKGKTPEEIRKTFNIKNDFTEEEEAQVRKENQ
WCEEK
;
A,B,G
2 'polypeptide(L)' GAGDESWMQREVWMSVFRYLSRRELCECMRVCKTWYKWCCDKRLWTK E,F,I
3 'polypeptide(L)'
;GSGMQIFVKTRHSYKHGLIENSTITLEVEPSDTIENVKAKIQDKEGIPPDQQVLIFSRKRLEDGRTLSDYNIQKESTLRL
VLVFGRR
;
C,D,H
#
# COMPACT_ATOMS: atom_id res chain seq x y z
N GLY A 1 -27.44 -4.16 13.16
CA GLY A 1 -27.24 -5.59 13.38
C GLY A 1 -25.89 -6.09 12.91
N ALA A 2 -25.67 -7.39 13.04
CA ALA A 2 -24.39 -8.01 12.70
C ALA A 2 -24.26 -8.12 11.18
N MET A 3 -23.22 -8.81 10.73
CA MET A 3 -22.90 -9.01 9.33
C MET A 3 -22.66 -10.48 9.06
N PRO A 4 -22.99 -10.97 7.87
CA PRO A 4 -22.81 -12.40 7.58
C PRO A 4 -21.38 -12.87 7.85
N SER A 5 -21.27 -13.91 8.66
CA SER A 5 -19.99 -14.49 9.00
C SER A 5 -20.03 -15.99 8.75
N ILE A 6 -18.85 -16.60 8.78
CA ILE A 6 -18.71 -18.04 8.58
C ILE A 6 -17.79 -18.57 9.67
N LYS A 7 -17.99 -19.83 10.04
CA LYS A 7 -17.21 -20.49 11.07
C LYS A 7 -16.31 -21.52 10.41
N LEU A 8 -15.02 -21.49 10.78
CA LEU A 8 -14.05 -22.46 10.30
C LEU A 8 -13.54 -23.28 11.47
N GLN A 9 -13.45 -24.59 11.27
CA GLN A 9 -13.08 -25.50 12.33
C GLN A 9 -11.69 -26.04 12.03
N SER A 10 -10.73 -25.64 12.85
CA SER A 10 -9.36 -26.14 12.79
C SER A 10 -9.32 -27.65 12.92
N SER A 11 -8.19 -28.22 12.51
CA SER A 11 -7.97 -29.64 12.68
C SER A 11 -8.02 -30.07 14.13
N ASP A 12 -7.66 -29.15 15.06
CA ASP A 12 -7.66 -29.41 16.50
C ASP A 12 -9.03 -29.35 17.15
N GLY A 13 -10.03 -28.82 16.46
CA GLY A 13 -11.37 -28.70 17.00
C GLY A 13 -11.81 -27.26 17.26
N GLU A 14 -10.88 -26.32 17.41
CA GLU A 14 -11.29 -24.96 17.72
C GLU A 14 -11.99 -24.34 16.53
N ILE A 15 -13.11 -23.67 16.80
CA ILE A 15 -13.94 -23.06 15.76
C ILE A 15 -13.69 -21.55 15.76
N PHE A 16 -13.56 -20.97 14.56
CA PHE A 16 -13.20 -19.57 14.40
C PHE A 16 -14.26 -18.91 13.54
N GLU A 17 -14.89 -17.88 14.07
CA GLU A 17 -15.91 -17.17 13.34
C GLU A 17 -15.26 -15.96 12.68
N VAL A 18 -15.40 -15.86 11.36
CA VAL A 18 -14.78 -14.79 10.60
C VAL A 18 -15.81 -14.14 9.67
N ASP A 19 -15.75 -12.81 9.59
CA ASP A 19 -16.59 -12.07 8.66
C ASP A 19 -16.41 -12.61 7.25
N VAL A 20 -17.52 -12.73 6.52
CA VAL A 20 -17.47 -13.44 5.23
C VAL A 20 -16.54 -12.73 4.26
N GLU A 21 -16.64 -11.38 4.17
CA GLU A 21 -15.82 -10.66 3.20
C GLU A 21 -14.34 -10.75 3.55
N ILE A 22 -14.00 -10.89 4.82
CA ILE A 22 -12.62 -11.18 5.19
C ILE A 22 -12.27 -12.62 4.80
N ALA A 23 -13.21 -13.56 5.00
CA ALA A 23 -12.93 -14.95 4.63
C ALA A 23 -12.81 -15.13 3.13
N LYS A 24 -13.53 -14.33 2.33
CA LYS A 24 -13.45 -14.48 0.88
C LYS A 24 -12.13 -13.99 0.31
N GLN A 25 -11.18 -13.57 1.16
CA GLN A 25 -9.80 -13.45 0.70
C GLN A 25 -9.21 -14.80 0.35
N SER A 26 -9.77 -15.88 0.90
CA SER A 26 -9.42 -17.23 0.49
C SER A 26 -10.31 -17.61 -0.68
N VAL A 27 -9.70 -17.82 -1.85
CA VAL A 27 -10.49 -18.21 -3.01
C VAL A 27 -11.08 -19.60 -2.82
N THR A 28 -10.36 -20.48 -2.10
CA THR A 28 -10.93 -21.79 -1.83
C THR A 28 -12.22 -21.68 -1.05
N ILE A 29 -12.25 -20.79 -0.05
CA ILE A 29 -13.48 -20.59 0.72
C ILE A 29 -14.49 -19.80 -0.08
N LYS A 30 -14.02 -18.85 -0.90
CA LYS A 30 -14.94 -18.01 -1.68
C LYS A 30 -15.78 -18.85 -2.62
N THR A 31 -15.20 -19.90 -3.19
CA THR A 31 -15.94 -20.74 -4.12
C THR A 31 -16.97 -21.60 -3.39
N MET A 32 -16.65 -22.08 -2.19
CA MET A 32 -17.62 -22.88 -1.44
C MET A 32 -18.87 -22.08 -1.15
N LEU A 33 -18.71 -20.80 -0.80
CA LEU A 33 -19.82 -19.90 -0.54
C LEU A 33 -20.59 -19.57 -1.80
N GLU A 34 -19.94 -19.63 -2.96
CA GLU A 34 -20.61 -19.34 -4.23
C GLU A 34 -21.59 -20.45 -4.60
N ASP A 35 -21.28 -21.68 -4.22
CA ASP A 35 -22.14 -22.81 -4.52
C ASP A 35 -23.26 -22.90 -3.48
N ASP A 43 -26.75 -25.43 5.50
CA ASP A 43 -26.02 -25.82 6.71
C ASP A 43 -25.11 -24.70 7.18
N ASP A 44 -25.45 -24.10 8.33
CA ASP A 44 -24.63 -23.06 8.94
C ASP A 44 -23.70 -23.62 10.02
N ASP A 45 -23.30 -24.89 9.88
CA ASP A 45 -22.25 -25.48 10.69
C ASP A 45 -20.89 -25.03 10.13
N PRO A 46 -19.82 -25.16 10.93
CA PRO A 46 -18.50 -24.73 10.45
C PRO A 46 -18.01 -25.58 9.29
N VAL A 47 -17.12 -25.00 8.48
CA VAL A 47 -16.50 -25.77 7.41
C VAL A 47 -15.26 -26.41 8.01
N PRO A 48 -15.07 -27.72 7.85
CA PRO A 48 -13.90 -28.37 8.44
C PRO A 48 -12.64 -28.06 7.63
N LEU A 49 -11.56 -27.73 8.32
CA LEU A 49 -10.24 -27.64 7.71
C LEU A 49 -9.35 -28.63 8.43
N PRO A 50 -9.45 -29.92 8.11
CA PRO A 50 -8.65 -30.91 8.82
C PRO A 50 -7.16 -30.85 8.53
N ASN A 51 -6.72 -29.95 7.65
CA ASN A 51 -5.29 -29.79 7.37
C ASN A 51 -4.71 -28.51 7.95
N VAL A 52 -5.51 -27.73 8.67
CA VAL A 52 -5.03 -26.48 9.24
C VAL A 52 -5.32 -26.54 10.74
N ASN A 53 -4.27 -26.57 11.55
CA ASN A 53 -4.55 -26.63 12.98
C ASN A 53 -4.89 -25.23 13.48
N ALA A 54 -5.20 -25.13 14.77
CA ALA A 54 -5.77 -23.87 15.30
C ALA A 54 -4.74 -22.74 15.27
N ALA A 55 -3.49 -23.02 15.64
CA ALA A 55 -2.48 -21.96 15.68
C ALA A 55 -2.24 -21.38 14.30
N ILE A 56 -2.12 -22.24 13.29
CA ILE A 56 -1.94 -21.79 11.92
C ILE A 56 -3.18 -21.04 11.43
N LEU A 57 -4.36 -21.56 11.75
CA LEU A 57 -5.56 -20.87 11.31
C LEU A 57 -5.73 -19.55 12.03
N LYS A 58 -5.29 -19.49 13.28
CA LYS A 58 -5.30 -18.25 14.03
C LYS A 58 -4.47 -17.19 13.32
N LYS A 59 -3.29 -17.57 12.82
CA LYS A 59 -2.42 -16.61 12.16
C LYS A 59 -2.93 -16.26 10.78
N VAL A 60 -3.63 -17.19 10.13
CA VAL A 60 -4.27 -16.88 8.85
C VAL A 60 -5.33 -15.81 9.04
N ILE A 61 -6.21 -15.98 10.03
CA ILE A 61 -7.27 -15.01 10.26
C ILE A 61 -6.68 -13.67 10.64
N GLN A 62 -5.63 -13.68 11.45
CA GLN A 62 -4.95 -12.44 11.80
C GLN A 62 -4.45 -11.73 10.55
N TRP A 63 -3.78 -12.45 9.66
CA TRP A 63 -3.26 -11.82 8.45
C TRP A 63 -4.39 -11.27 7.60
N CYS A 64 -5.45 -12.05 7.41
CA CYS A 64 -6.56 -11.61 6.57
C CYS A 64 -7.31 -10.44 7.21
N THR A 65 -7.39 -10.40 8.55
CA THR A 65 -8.06 -9.28 9.20
C THR A 65 -7.28 -7.99 9.00
N HIS A 66 -5.96 -8.06 9.06
CA HIS A 66 -5.17 -6.85 8.91
C HIS A 66 -5.20 -6.36 7.47
N HIS A 67 -5.17 -7.28 6.50
CA HIS A 67 -5.27 -6.93 5.10
C HIS A 67 -6.70 -6.84 4.62
N LYS A 68 -7.64 -6.70 5.57
CA LYS A 68 -9.08 -6.57 5.26
C LYS A 68 -9.34 -5.54 4.16
N ASP A 69 -8.67 -4.38 4.20
CA ASP A 69 -8.98 -3.33 3.23
C ASP A 69 -7.89 -3.17 2.17
N ASP A 70 -7.58 -4.25 1.45
CA ASP A 70 -6.56 -4.24 0.40
C ASP A 70 -7.16 -4.66 -0.93
N PRO A 71 -6.91 -3.93 -2.01
CA PRO A 71 -7.39 -4.37 -3.32
C PRO A 71 -6.38 -5.27 -4.00
N PRO A 72 -6.83 -6.35 -4.66
CA PRO A 72 -5.91 -7.23 -5.39
C PRO A 72 -5.19 -6.52 -6.53
N GLU A 78 1.48 -11.11 -10.94
CA GLU A 78 2.33 -10.59 -12.00
C GLU A 78 3.20 -11.70 -12.59
N ASN A 79 3.86 -11.40 -13.71
CA ASN A 79 4.77 -12.32 -14.38
C ASN A 79 6.03 -11.57 -14.81
N LYS A 80 6.69 -10.92 -13.84
CA LYS A 80 7.88 -10.13 -14.12
C LYS A 80 9.08 -10.61 -13.31
N GLU A 81 10.09 -9.75 -13.13
CA GLU A 81 11.29 -10.14 -12.41
C GLU A 81 10.97 -10.39 -10.93
N LYS A 82 11.82 -11.20 -10.30
CA LYS A 82 11.59 -11.64 -8.93
C LYS A 82 12.05 -10.58 -7.93
N ARG A 83 11.18 -10.24 -6.99
CA ARG A 83 11.51 -9.31 -5.92
C ARG A 83 11.01 -9.90 -4.62
N THR A 84 11.85 -9.88 -3.59
CA THR A 84 11.46 -10.35 -2.27
C THR A 84 11.72 -9.33 -1.18
N ASP A 85 12.04 -8.09 -1.54
CA ASP A 85 12.32 -7.04 -0.56
C ASP A 85 11.12 -6.15 -0.31
N ASP A 86 9.95 -6.52 -0.86
CA ASP A 86 8.77 -5.67 -0.85
C ASP A 86 7.68 -6.18 0.09
N ILE A 87 8.08 -6.89 1.14
CA ILE A 87 7.17 -7.34 2.19
C ILE A 87 6.86 -6.15 3.11
N PRO A 88 5.60 -5.81 3.32
CA PRO A 88 5.29 -4.68 4.20
C PRO A 88 5.84 -4.92 5.60
N VAL A 89 6.10 -3.82 6.32
CA VAL A 89 6.76 -3.91 7.62
C VAL A 89 5.92 -4.73 8.60
N TRP A 90 4.59 -4.62 8.52
CA TRP A 90 3.75 -5.37 9.45
C TRP A 90 3.91 -6.87 9.24
N ASP A 91 3.93 -7.31 7.98
CA ASP A 91 4.04 -8.74 7.70
C ASP A 91 5.39 -9.31 8.13
N GLN A 92 6.46 -8.52 8.04
CA GLN A 92 7.76 -9.03 8.48
C GLN A 92 7.77 -9.32 9.97
N GLU A 93 7.21 -8.40 10.77
CA GLU A 93 7.16 -8.63 12.20
C GLU A 93 6.23 -9.79 12.52
N PHE A 94 5.10 -9.85 11.82
CA PHE A 94 4.15 -10.94 11.99
C PHE A 94 4.74 -12.29 11.58
N LEU A 95 5.68 -12.29 10.62
CA LEU A 95 6.26 -13.55 10.16
C LEU A 95 7.55 -13.91 10.90
N LYS A 96 7.84 -13.26 12.03
CA LYS A 96 8.97 -13.69 12.85
C LYS A 96 8.49 -14.83 13.74
N VAL A 97 8.46 -16.02 13.16
CA VAL A 97 7.99 -17.23 13.82
C VAL A 97 8.96 -18.34 13.43
N ASP A 98 8.82 -19.49 14.10
CA ASP A 98 9.75 -20.58 13.84
C ASP A 98 9.56 -21.13 12.43
N GLN A 99 10.58 -21.88 11.96
CA GLN A 99 10.56 -22.38 10.58
C GLN A 99 9.34 -23.24 10.31
N GLY A 100 9.01 -24.13 11.27
CA GLY A 100 7.85 -24.99 11.10
C GLY A 100 6.58 -24.20 10.87
N THR A 101 6.40 -23.11 11.62
CA THR A 101 5.21 -22.28 11.45
C THR A 101 5.16 -21.69 10.05
N LEU A 102 6.31 -21.22 9.54
CA LEU A 102 6.35 -20.68 8.18
C LEU A 102 6.00 -21.76 7.16
N PHE A 103 6.59 -22.95 7.34
CA PHE A 103 6.30 -24.05 6.42
C PHE A 103 4.80 -24.38 6.43
N GLU A 104 4.18 -24.39 7.61
CA GLU A 104 2.73 -24.64 7.67
C GLU A 104 1.94 -23.44 7.18
N LEU A 105 2.49 -22.23 7.26
CA LEU A 105 1.81 -21.06 6.71
C LEU A 105 1.76 -21.12 5.19
N ILE A 106 2.84 -21.58 4.56
CA ILE A 106 2.79 -21.76 3.10
C ILE A 106 1.79 -22.86 2.73
N LEU A 107 1.74 -23.95 3.49
CA LEU A 107 0.78 -25.00 3.20
C LEU A 107 -0.65 -24.48 3.30
N ALA A 108 -0.96 -23.78 4.40
CA ALA A 108 -2.32 -23.28 4.62
C ALA A 108 -2.69 -22.22 3.59
N ALA A 109 -1.80 -21.27 3.34
CA ALA A 109 -2.11 -20.24 2.36
C ALA A 109 -2.21 -20.83 0.97
N ASN A 110 -1.48 -21.90 0.70
CA ASN A 110 -1.61 -22.55 -0.59
C ASN A 110 -2.97 -23.24 -0.69
N TYR A 111 -3.33 -24.06 0.32
CA TYR A 111 -4.61 -24.75 0.27
C TYR A 111 -5.77 -23.77 0.21
N LEU A 112 -5.76 -22.75 1.09
CA LEU A 112 -6.82 -21.75 1.08
C LEU A 112 -6.73 -20.83 -0.13
N ASP A 113 -5.61 -20.85 -0.84
CA ASP A 113 -5.31 -19.98 -1.98
C ASP A 113 -5.52 -18.50 -1.63
N ILE A 114 -4.68 -18.03 -0.72
CA ILE A 114 -4.59 -16.61 -0.42
C ILE A 114 -3.27 -16.11 -1.01
N LYS A 115 -3.33 -15.47 -2.17
CA LYS A 115 -2.10 -15.12 -2.87
C LYS A 115 -1.21 -14.24 -2.01
N GLY A 116 -1.80 -13.21 -1.38
CA GLY A 116 -1.00 -12.29 -0.59
C GLY A 116 -0.26 -12.96 0.55
N LEU A 117 -0.93 -13.91 1.23
CA LEU A 117 -0.29 -14.56 2.37
C LEU A 117 0.78 -15.53 1.89
N LEU A 118 0.56 -16.19 0.77
CA LEU A 118 1.58 -17.08 0.24
C LEU A 118 2.79 -16.30 -0.26
N ASP A 119 2.56 -15.14 -0.86
CA ASP A 119 3.68 -14.30 -1.34
C ASP A 119 4.60 -13.89 -0.19
N VAL A 120 4.06 -13.22 0.83
CA VAL A 120 4.95 -12.77 1.90
C VAL A 120 5.61 -13.94 2.60
N THR A 121 4.92 -15.08 2.70
CA THR A 121 5.50 -16.19 3.47
C THR A 121 6.64 -16.86 2.72
N CYS A 122 6.48 -17.06 1.41
CA CYS A 122 7.54 -17.63 0.61
C CYS A 122 8.69 -16.65 0.44
N LYS A 123 8.41 -15.36 0.36
CA LYS A 123 9.49 -14.39 0.28
C LYS A 123 10.25 -14.33 1.58
N THR A 124 9.58 -14.55 2.71
CA THR A 124 10.30 -14.57 3.98
C THR A 124 11.31 -15.71 4.00
N VAL A 125 10.92 -16.88 3.51
CA VAL A 125 11.81 -18.02 3.48
C VAL A 125 12.89 -17.81 2.42
N ALA A 126 12.51 -17.20 1.30
CA ALA A 126 13.49 -16.91 0.26
C ALA A 126 14.58 -15.98 0.77
N ASN A 127 14.23 -15.10 1.69
CA ASN A 127 15.24 -14.20 2.25
C ASN A 127 16.16 -14.90 3.24
N MET A 128 15.81 -16.11 3.69
CA MET A 128 16.73 -16.85 4.54
C MET A 128 17.64 -17.76 3.72
N ILE A 129 17.62 -17.62 2.40
CA ILE A 129 18.46 -18.39 1.50
C ILE A 129 19.37 -17.44 0.74
N LYS A 130 18.89 -16.22 0.49
CA LYS A 130 19.63 -15.25 -0.31
C LYS A 130 20.97 -14.93 0.35
N GLY A 131 22.05 -15.03 -0.45
CA GLY A 131 23.37 -14.70 0.02
C GLY A 131 24.02 -15.72 0.92
N LYS A 132 23.55 -16.97 0.89
CA LYS A 132 24.08 -18.01 1.74
C LYS A 132 24.66 -19.13 0.88
N THR A 133 25.79 -19.68 1.33
CA THR A 133 26.36 -20.85 0.70
C THR A 133 25.42 -22.04 0.88
N PRO A 134 25.52 -23.05 0.00
CA PRO A 134 24.78 -24.29 0.27
C PRO A 134 25.01 -24.81 1.68
N GLU A 135 26.24 -24.72 2.18
CA GLU A 135 26.50 -25.15 3.55
C GLU A 135 25.74 -24.28 4.55
N GLU A 136 25.63 -22.98 4.28
CA GLU A 136 24.90 -22.11 5.19
C GLU A 136 23.39 -22.37 5.15
N ILE A 137 22.87 -22.79 4.00
CA ILE A 137 21.46 -23.14 3.91
C ILE A 137 21.19 -24.40 4.72
N ARG A 138 22.14 -25.34 4.68
CA ARG A 138 21.97 -26.57 5.46
C ARG A 138 21.91 -26.26 6.94
N LYS A 139 22.79 -25.38 7.42
CA LYS A 139 22.79 -25.03 8.84
C LYS A 139 21.53 -24.27 9.22
N THR A 140 21.01 -23.46 8.30
CA THR A 140 19.82 -22.65 8.58
C THR A 140 18.59 -23.52 8.78
N PHE A 141 18.37 -24.49 7.89
CA PHE A 141 17.18 -25.32 7.94
C PHE A 141 17.46 -26.71 8.53
N ASN A 142 18.67 -26.95 9.01
CA ASN A 142 19.07 -28.25 9.56
C ASN A 142 18.80 -29.36 8.54
N ILE A 143 19.33 -29.20 7.35
CA ILE A 143 19.25 -30.19 6.27
C ILE A 143 20.58 -30.93 6.20
N LYS A 144 20.54 -32.26 6.30
CA LYS A 144 21.75 -33.06 6.17
C LYS A 144 22.19 -33.15 4.71
N ASN A 145 23.48 -33.41 4.51
CA ASN A 145 24.07 -33.48 3.18
C ASN A 145 24.05 -34.94 2.74
N ASP A 146 22.98 -35.33 2.04
CA ASP A 146 22.82 -36.71 1.59
C ASP A 146 23.54 -36.98 0.29
N PHE A 147 24.59 -36.22 -0.01
CA PHE A 147 25.38 -36.41 -1.20
C PHE A 147 26.60 -37.27 -0.91
N THR A 148 26.91 -38.18 -1.83
CA THR A 148 28.21 -38.84 -1.81
C THR A 148 29.24 -37.93 -2.46
N GLU A 149 30.50 -38.10 -2.04
CA GLU A 149 31.57 -37.24 -2.55
C GLU A 149 31.59 -37.24 -4.08
N GLU A 150 31.38 -38.40 -4.70
CA GLU A 150 31.30 -38.44 -6.15
C GLU A 150 30.04 -37.75 -6.65
N GLU A 151 28.95 -37.81 -5.88
CA GLU A 151 27.72 -37.14 -6.30
C GLU A 151 27.84 -35.63 -6.15
N GLU A 152 28.51 -35.16 -5.11
CA GLU A 152 28.73 -33.72 -4.96
C GLU A 152 29.69 -33.15 -6.00
N ALA A 153 30.40 -34.00 -6.75
CA ALA A 153 31.23 -33.50 -7.84
C ALA A 153 30.46 -33.41 -9.15
N GLN A 154 29.57 -34.36 -9.41
CA GLN A 154 28.79 -34.30 -10.64
C GLN A 154 27.83 -33.11 -10.62
N VAL A 155 27.24 -32.81 -9.47
CA VAL A 155 26.37 -31.63 -9.37
C VAL A 155 27.14 -30.36 -9.71
N ARG A 156 28.43 -30.31 -9.36
CA ARG A 156 29.25 -29.14 -9.61
C ARG A 156 29.96 -29.20 -10.95
N LYS A 157 29.39 -29.90 -11.93
CA LYS A 157 29.93 -29.98 -13.26
C LYS A 157 29.43 -28.83 -14.12
N ALA B 2 5.08 20.51 -10.13
CA ALA B 2 4.24 21.58 -9.60
C ALA B 2 4.07 21.45 -8.09
N MET B 3 5.07 20.88 -7.41
CA MET B 3 5.02 20.70 -5.97
C MET B 3 6.27 21.28 -5.33
N PRO B 4 6.15 21.88 -4.14
CA PRO B 4 7.30 22.53 -3.52
C PRO B 4 8.49 21.59 -3.33
N SER B 5 9.64 22.03 -3.82
CA SER B 5 10.88 21.28 -3.73
C SER B 5 11.97 22.15 -3.14
N ILE B 6 13.06 21.49 -2.76
CA ILE B 6 14.26 22.11 -2.24
C ILE B 6 15.47 21.48 -2.92
N LYS B 7 16.54 22.26 -3.06
CA LYS B 7 17.76 21.78 -3.69
C LYS B 7 18.90 21.69 -2.68
N LEU B 8 19.61 20.58 -2.70
CA LEU B 8 20.75 20.33 -1.82
C LEU B 8 22.00 20.13 -2.65
N GLN B 9 23.12 20.70 -2.22
CA GLN B 9 24.36 20.64 -2.98
C GLN B 9 25.38 19.82 -2.22
N SER B 10 25.72 18.66 -2.76
CA SER B 10 26.74 17.80 -2.18
C SER B 10 28.08 18.53 -2.10
N SER B 11 28.98 18.00 -1.27
CA SER B 11 30.32 18.56 -1.17
C SER B 11 31.05 18.54 -2.51
N ASP B 12 30.74 17.58 -3.38
CA ASP B 12 31.38 17.48 -4.70
C ASP B 12 30.85 18.48 -5.70
N GLY B 13 29.74 19.17 -5.41
CA GLY B 13 29.18 20.14 -6.30
C GLY B 13 27.87 19.74 -6.93
N GLU B 14 27.54 18.45 -6.95
CA GLU B 14 26.31 18.01 -7.62
C GLU B 14 25.09 18.47 -6.84
N ILE B 15 24.10 19.01 -7.57
CA ILE B 15 22.89 19.58 -6.99
C ILE B 15 21.72 18.62 -7.16
N PHE B 16 20.92 18.48 -6.12
CA PHE B 16 19.83 17.51 -6.06
C PHE B 16 18.55 18.22 -5.67
N GLU B 17 17.53 18.08 -6.49
CA GLU B 17 16.21 18.60 -6.18
C GLU B 17 15.39 17.53 -5.48
N VAL B 18 14.87 17.87 -4.30
CA VAL B 18 14.07 16.97 -3.48
C VAL B 18 12.76 17.67 -3.15
N ASP B 19 11.65 16.94 -3.26
CA ASP B 19 10.38 17.46 -2.76
C ASP B 19 10.55 17.80 -1.28
N VAL B 20 9.94 18.92 -0.85
CA VAL B 20 10.16 19.40 0.52
C VAL B 20 9.66 18.37 1.54
N GLU B 21 8.48 17.80 1.30
CA GLU B 21 7.93 16.87 2.28
C GLU B 21 8.81 15.64 2.46
N ILE B 22 9.50 15.20 1.41
CA ILE B 22 10.49 14.13 1.56
C ILE B 22 11.73 14.64 2.29
N ALA B 23 12.15 15.87 1.98
CA ALA B 23 13.33 16.43 2.65
C ALA B 23 13.08 16.69 4.13
N LYS B 24 11.85 17.02 4.50
CA LYS B 24 11.63 17.29 5.92
C LYS B 24 11.72 16.03 6.77
N GLN B 25 12.07 14.88 6.19
CA GLN B 25 12.50 13.73 6.98
C GLN B 25 13.82 14.03 7.69
N SER B 26 14.57 15.00 7.16
CA SER B 26 15.75 15.55 7.83
C SER B 26 15.28 16.64 8.78
N VAL B 27 15.47 16.43 10.08
CA VAL B 27 15.06 17.47 11.02
C VAL B 27 15.96 18.70 10.84
N THR B 28 17.23 18.47 10.52
CA THR B 28 18.14 19.59 10.27
C THR B 28 17.63 20.45 9.12
N ILE B 29 17.14 19.83 8.05
CA ILE B 29 16.57 20.61 6.96
C ILE B 29 15.22 21.19 7.33
N LYS B 30 14.43 20.46 8.12
CA LYS B 30 13.13 20.98 8.53
C LYS B 30 13.27 22.28 9.28
N THR B 31 14.28 22.39 10.14
CA THR B 31 14.46 23.60 10.92
C THR B 31 14.97 24.74 10.06
N MET B 32 15.83 24.45 9.07
CA MET B 32 16.30 25.51 8.17
C MET B 32 15.14 26.11 7.38
N LEU B 33 14.21 25.27 6.94
CA LEU B 33 13.06 25.78 6.19
C LEU B 33 12.10 26.57 7.06
N GLU B 34 12.05 26.25 8.36
CA GLU B 34 11.18 26.99 9.28
C GLU B 34 11.71 28.37 9.62
N ASP B 35 13.04 28.52 9.70
CA ASP B 35 13.66 29.80 10.02
C ASP B 35 13.81 30.61 8.75
N LEU B 36 12.70 31.23 8.33
CA LEU B 36 12.61 32.06 7.12
C LEU B 36 13.18 31.34 5.88
N ASP B 43 12.82 32.04 -7.16
CA ASP B 43 13.22 30.95 -6.29
C ASP B 43 14.42 31.30 -5.46
N ASP B 44 15.02 30.28 -4.84
CA ASP B 44 16.17 30.44 -3.97
C ASP B 44 17.25 29.42 -4.37
N ASP B 45 18.41 29.53 -3.72
CA ASP B 45 19.60 28.75 -4.05
C ASP B 45 19.55 27.39 -3.38
N PRO B 46 20.47 26.49 -3.73
CA PRO B 46 20.56 25.23 -2.99
C PRO B 46 21.21 25.41 -1.63
N VAL B 47 20.86 24.52 -0.70
CA VAL B 47 21.49 24.56 0.62
C VAL B 47 22.77 23.74 0.53
N PRO B 48 23.90 24.31 0.94
CA PRO B 48 25.16 23.56 0.86
C PRO B 48 25.24 22.50 1.95
N LEU B 49 25.65 21.29 1.55
CA LEU B 49 26.02 20.23 2.49
C LEU B 49 27.47 19.86 2.24
N PRO B 50 28.41 20.71 2.68
CA PRO B 50 29.82 20.44 2.39
C PRO B 50 30.38 19.24 3.13
N ASN B 51 29.58 18.55 3.94
CA ASN B 51 30.01 17.35 4.65
C ASN B 51 29.41 16.07 4.09
N VAL B 52 28.58 16.15 3.06
CA VAL B 52 27.95 14.99 2.44
C VAL B 52 28.29 15.01 0.95
N ASN B 53 29.07 14.02 0.49
CA ASN B 53 29.39 14.00 -0.92
C ASN B 53 28.19 13.47 -1.71
N ALA B 54 28.32 13.45 -3.04
CA ALA B 54 27.17 13.20 -3.89
C ALA B 54 26.66 11.78 -3.74
N ALA B 55 27.57 10.80 -3.70
CA ALA B 55 27.15 9.40 -3.64
C ALA B 55 26.39 9.12 -2.34
N ILE B 56 26.94 9.56 -1.21
CA ILE B 56 26.22 9.40 0.06
C ILE B 56 24.90 10.17 0.03
N LEU B 57 24.91 11.39 -0.50
CA LEU B 57 23.66 12.16 -0.54
C LEU B 57 22.65 11.52 -1.48
N LYS B 58 23.12 10.84 -2.53
CA LYS B 58 22.21 10.07 -3.36
C LYS B 58 21.49 9.00 -2.54
N LYS B 59 22.23 8.29 -1.69
CA LYS B 59 21.61 7.21 -0.93
C LYS B 59 20.72 7.75 0.18
N VAL B 60 21.02 8.95 0.68
CA VAL B 60 20.11 9.58 1.62
C VAL B 60 18.79 9.88 0.95
N ILE B 61 18.83 10.54 -0.22
CA ILE B 61 17.60 10.87 -0.94
C ILE B 61 16.86 9.61 -1.36
N GLN B 62 17.60 8.59 -1.81
CA GLN B 62 16.97 7.31 -2.16
C GLN B 62 16.23 6.71 -0.96
N TRP B 63 16.90 6.65 0.20
CA TRP B 63 16.27 6.08 1.38
C TRP B 63 15.02 6.86 1.77
N CYS B 64 15.10 8.18 1.76
CA CYS B 64 13.93 9.00 2.12
C CYS B 64 12.83 8.87 1.09
N THR B 65 13.16 8.71 -0.20
CA THR B 65 12.11 8.55 -1.20
C THR B 65 11.35 7.25 -1.01
N HIS B 66 12.04 6.17 -0.61
CA HIS B 66 11.33 4.92 -0.39
C HIS B 66 10.50 4.98 0.88
N HIS B 67 11.02 5.59 1.94
CA HIS B 67 10.28 5.81 3.18
C HIS B 67 9.44 7.06 3.13
N LYS B 68 9.14 7.55 1.92
CA LYS B 68 8.33 8.74 1.74
C LYS B 68 7.05 8.72 2.57
N ASP B 69 6.37 7.58 2.63
CA ASP B 69 5.07 7.50 3.31
C ASP B 69 5.15 6.75 4.64
N ASP B 70 5.97 7.23 5.58
CA ASP B 70 6.17 6.61 6.87
C ASP B 70 5.81 7.56 8.00
N PRO B 71 5.08 7.09 9.02
CA PRO B 71 4.77 7.94 10.16
C PRO B 71 5.90 7.90 11.19
N PRO B 72 6.13 9.01 11.90
CA PRO B 72 7.21 9.04 12.90
C PRO B 72 6.94 8.11 14.05
N PRO B 73 7.95 7.79 14.88
CA PRO B 73 7.80 6.96 16.08
C PRO B 73 6.66 7.39 16.99
N GLU B 81 14.61 -1.81 25.69
CA GLU B 81 16.00 -1.94 25.27
C GLU B 81 16.08 -1.77 23.76
N LYS B 82 17.28 -1.81 23.20
CA LYS B 82 17.51 -1.53 21.79
C LYS B 82 17.74 -2.84 21.03
N ARG B 83 16.91 -3.08 20.01
CA ARG B 83 17.00 -4.27 19.18
C ARG B 83 17.79 -3.98 17.91
N THR B 84 18.34 -5.05 17.31
CA THR B 84 18.92 -4.98 15.97
C THR B 84 18.34 -6.06 15.05
N ASP B 85 17.25 -6.70 15.44
CA ASP B 85 16.63 -7.76 14.64
C ASP B 85 15.42 -7.27 13.86
N ASP B 86 15.13 -5.97 13.89
CA ASP B 86 13.92 -5.40 13.32
C ASP B 86 14.23 -4.48 12.13
N ILE B 87 15.32 -4.75 11.42
CA ILE B 87 15.62 -3.97 10.23
C ILE B 87 14.74 -4.47 9.10
N PRO B 88 13.96 -3.60 8.46
CA PRO B 88 13.12 -4.05 7.34
C PRO B 88 13.95 -4.62 6.19
N VAL B 89 13.34 -5.54 5.43
CA VAL B 89 14.10 -6.26 4.40
C VAL B 89 14.59 -5.31 3.32
N TRP B 90 13.80 -4.29 2.98
CA TRP B 90 14.23 -3.37 1.94
C TRP B 90 15.50 -2.63 2.36
N ASP B 91 15.56 -2.21 3.62
CA ASP B 91 16.75 -1.49 4.13
C ASP B 91 17.95 -2.42 4.22
N GLN B 92 17.73 -3.70 4.53
CA GLN B 92 18.84 -4.64 4.54
C GLN B 92 19.48 -4.76 3.17
N GLU B 93 18.67 -4.89 2.13
CA GLU B 93 19.21 -4.93 0.78
C GLU B 93 19.85 -3.60 0.41
N PHE B 94 19.19 -2.50 0.80
CA PHE B 94 19.68 -1.18 0.49
C PHE B 94 21.02 -0.90 1.18
N LEU B 95 21.25 -1.51 2.35
CA LEU B 95 22.45 -1.25 3.13
C LEU B 95 23.56 -2.26 2.86
N LYS B 96 23.45 -3.04 1.78
CA LYS B 96 24.51 -3.94 1.37
C LYS B 96 25.53 -3.11 0.59
N VAL B 97 26.38 -2.41 1.35
CA VAL B 97 27.37 -1.50 0.81
C VAL B 97 28.67 -1.69 1.58
N ASP B 98 29.73 -1.04 1.10
CA ASP B 98 31.02 -1.18 1.74
C ASP B 98 31.04 -0.49 3.12
N GLN B 99 32.05 -0.83 3.90
CA GLN B 99 32.18 -0.31 5.26
C GLN B 99 32.24 1.21 5.26
N GLY B 100 32.99 1.80 4.32
CA GLY B 100 33.08 3.26 4.23
C GLY B 100 31.73 3.93 4.02
N THR B 101 30.91 3.38 3.10
CA THR B 101 29.59 3.94 2.83
C THR B 101 28.70 3.87 4.07
N LEU B 102 28.80 2.78 4.84
CA LEU B 102 28.02 2.70 6.06
C LEU B 102 28.44 3.80 7.04
N PHE B 103 29.75 3.97 7.23
CA PHE B 103 30.25 5.01 8.13
C PHE B 103 29.79 6.40 7.69
N GLU B 104 29.88 6.68 6.38
CA GLU B 104 29.46 7.99 5.89
C GLU B 104 27.94 8.13 5.93
N LEU B 105 27.22 7.03 5.84
CA LEU B 105 25.77 7.08 5.98
C LEU B 105 25.36 7.41 7.41
N ILE B 106 26.05 6.86 8.40
CA ILE B 106 25.74 7.20 9.78
C ILE B 106 26.03 8.67 10.06
N LEU B 107 27.16 9.20 9.55
CA LEU B 107 27.46 10.62 9.75
C LEU B 107 26.44 11.50 9.05
N ALA B 108 26.08 11.17 7.82
CA ALA B 108 25.12 11.98 7.08
C ALA B 108 23.75 11.96 7.75
N ALA B 109 23.29 10.76 8.15
CA ALA B 109 22.02 10.66 8.85
C ALA B 109 22.07 11.31 10.21
N ASN B 110 23.22 11.26 10.86
CA ASN B 110 23.32 11.95 12.14
C ASN B 110 23.27 13.45 11.93
N TYR B 111 24.10 13.98 11.02
CA TYR B 111 24.06 15.41 10.80
C TYR B 111 22.67 15.85 10.34
N LEU B 112 22.10 15.13 9.38
CA LEU B 112 20.77 15.49 8.89
C LEU B 112 19.66 15.19 9.88
N ASP B 113 19.95 14.42 10.93
CA ASP B 113 18.96 13.94 11.89
C ASP B 113 17.79 13.28 11.16
N ILE B 114 18.11 12.19 10.47
CA ILE B 114 17.11 11.29 9.93
C ILE B 114 17.14 10.06 10.82
N LYS B 115 16.19 10.00 11.76
CA LYS B 115 16.23 8.96 12.79
C LYS B 115 16.11 7.57 12.19
N GLY B 116 15.19 7.38 11.25
CA GLY B 116 15.01 6.06 10.65
C GLY B 116 16.28 5.57 9.96
N LEU B 117 16.96 6.47 9.25
CA LEU B 117 18.15 6.07 8.51
C LEU B 117 19.31 5.84 9.46
N LEU B 118 19.40 6.64 10.53
CA LEU B 118 20.50 6.41 11.46
C LEU B 118 20.33 5.08 12.17
N ASP B 119 19.10 4.78 12.59
CA ASP B 119 18.80 3.54 13.28
C ASP B 119 19.16 2.33 12.43
N VAL B 120 18.61 2.21 11.21
CA VAL B 120 18.87 0.99 10.44
C VAL B 120 20.34 0.84 10.12
N THR B 121 21.06 1.95 9.93
CA THR B 121 22.48 1.84 9.57
C THR B 121 23.32 1.43 10.76
N CYS B 122 22.97 1.92 11.95
CA CYS B 122 23.69 1.52 13.16
C CYS B 122 23.41 0.07 13.50
N LYS B 123 22.17 -0.39 13.29
CA LYS B 123 21.89 -1.79 13.56
C LYS B 123 22.58 -2.70 12.55
N THR B 124 22.72 -2.25 11.31
CA THR B 124 23.46 -3.05 10.33
C THR B 124 24.91 -3.20 10.77
N VAL B 125 25.53 -2.13 11.26
CA VAL B 125 26.90 -2.22 11.71
C VAL B 125 26.99 -3.02 13.00
N ALA B 126 26.05 -2.80 13.92
CA ALA B 126 26.08 -3.57 15.17
C ALA B 126 25.93 -5.06 14.91
N ASN B 127 25.25 -5.45 13.82
CA ASN B 127 25.10 -6.87 13.50
C ASN B 127 26.37 -7.48 12.97
N MET B 128 27.32 -6.66 12.54
CA MET B 128 28.64 -7.12 12.12
C MET B 128 29.63 -7.18 13.28
N ILE B 129 29.20 -6.91 14.51
CA ILE B 129 30.12 -7.06 15.63
C ILE B 129 29.52 -7.97 16.69
N LYS B 130 28.19 -8.02 16.78
CA LYS B 130 27.53 -8.80 17.82
C LYS B 130 27.92 -10.27 17.72
N GLY B 131 28.35 -10.85 18.84
CA GLY B 131 28.68 -12.25 18.87
C GLY B 131 29.99 -12.63 18.21
N LYS B 132 30.89 -11.68 18.00
CA LYS B 132 32.15 -11.94 17.32
C LYS B 132 33.31 -11.66 18.28
N THR B 133 34.36 -12.48 18.17
CA THR B 133 35.55 -12.23 18.94
C THR B 133 36.15 -10.88 18.55
N PRO B 134 36.85 -10.22 19.47
CA PRO B 134 37.62 -9.03 19.08
C PRO B 134 38.53 -9.32 17.89
N GLU B 135 39.11 -10.51 17.84
CA GLU B 135 39.94 -10.88 16.70
C GLU B 135 39.14 -10.89 15.40
N GLU B 136 37.89 -11.36 15.45
CA GLU B 136 37.05 -11.37 14.25
C GLU B 136 36.58 -9.97 13.88
N ILE B 137 36.41 -9.09 14.89
CA ILE B 137 36.06 -7.71 14.60
C ILE B 137 37.23 -7.01 13.93
N ARG B 138 38.45 -7.38 14.31
CA ARG B 138 39.62 -6.77 13.70
C ARG B 138 39.71 -7.13 12.23
N LYS B 139 39.47 -8.39 11.89
CA LYS B 139 39.60 -8.80 10.50
C LYS B 139 38.52 -8.17 9.63
N THR B 140 37.30 -8.01 10.16
CA THR B 140 36.21 -7.46 9.34
C THR B 140 36.42 -5.99 9.02
N PHE B 141 36.81 -5.18 10.02
CA PHE B 141 36.96 -3.75 9.83
C PHE B 141 38.40 -3.31 9.62
N ASN B 142 39.33 -4.27 9.51
CA ASN B 142 40.74 -3.97 9.33
C ASN B 142 41.22 -2.99 10.39
N ILE B 143 40.98 -3.34 11.65
CA ILE B 143 41.44 -2.54 12.79
C ILE B 143 42.71 -3.17 13.32
N LYS B 144 43.78 -2.37 13.37
CA LYS B 144 45.03 -2.88 13.91
C LYS B 144 44.94 -2.99 15.42
N ASN B 145 45.73 -3.90 15.98
CA ASN B 145 45.75 -4.17 17.42
C ASN B 145 46.84 -3.30 18.05
N ASP B 146 46.45 -2.13 18.57
CA ASP B 146 47.40 -1.18 19.16
C ASP B 146 47.76 -1.54 20.61
N PHE B 147 47.33 -2.70 21.09
CA PHE B 147 47.67 -3.13 22.44
C PHE B 147 49.04 -3.79 22.47
N THR B 148 49.69 -3.69 23.60
CA THR B 148 50.87 -4.49 23.89
C THR B 148 50.45 -5.73 24.67
N GLU B 149 51.29 -6.77 24.61
CA GLU B 149 50.93 -8.07 25.15
C GLU B 149 50.39 -7.96 26.57
N GLU B 150 51.14 -7.31 27.47
CA GLU B 150 50.69 -7.18 28.85
C GLU B 150 49.46 -6.31 28.95
N GLU B 151 49.27 -5.36 28.04
CA GLU B 151 48.03 -4.60 27.99
C GLU B 151 46.87 -5.48 27.50
N GLU B 152 47.07 -6.20 26.40
CA GLU B 152 46.05 -7.13 25.93
C GLU B 152 45.73 -8.16 27.00
N ALA B 153 46.76 -8.76 27.59
CA ALA B 153 46.54 -9.73 28.66
C ALA B 153 45.77 -9.12 29.81
N GLN B 154 46.00 -7.84 30.11
CA GLN B 154 45.28 -7.23 31.22
C GLN B 154 43.81 -7.05 30.89
N VAL B 155 43.49 -6.72 29.64
CA VAL B 155 42.09 -6.57 29.25
C VAL B 155 41.37 -7.90 29.34
N ARG B 156 42.03 -8.99 28.92
CA ARG B 156 41.44 -10.32 29.06
C ARG B 156 41.05 -10.61 30.51
N LYS B 157 41.97 -10.39 31.46
CA LYS B 157 41.69 -10.74 32.85
C LYS B 157 40.56 -9.88 33.42
N GLU B 158 40.56 -8.58 33.11
CA GLU B 158 39.51 -7.70 33.59
C GLU B 158 38.18 -7.90 32.87
N ASN B 159 38.18 -8.63 31.75
CA ASN B 159 36.96 -8.80 30.98
C ASN B 159 36.03 -9.82 31.65
N GLN B 160 36.55 -10.99 32.00
CA GLN B 160 35.72 -11.99 32.66
C GLN B 160 35.21 -11.51 34.00
N TRP B 161 35.96 -10.62 34.67
CA TRP B 161 35.61 -10.18 36.03
C TRP B 161 34.44 -9.20 36.01
N CYS B 162 34.67 -7.99 35.48
CA CYS B 162 33.72 -6.89 35.60
C CYS B 162 33.01 -6.65 34.27
N GLU B 163 31.75 -7.08 34.20
CA GLU B 163 30.84 -6.66 33.15
C GLU B 163 29.68 -5.84 33.67
N GLU B 164 29.56 -5.68 34.99
CA GLU B 164 28.51 -4.88 35.61
C GLU B 164 29.12 -3.73 36.40
N ALA C 2 12.85 -30.57 7.02
CA ALA C 2 13.24 -29.68 5.94
C ALA C 2 13.82 -30.49 4.77
N GLY C 3 14.54 -31.54 5.10
CA GLY C 3 15.11 -32.46 4.13
C GLY C 3 14.33 -33.74 3.91
N ASP C 4 13.15 -33.89 4.52
CA ASP C 4 12.32 -35.07 4.34
C ASP C 4 11.78 -35.14 2.91
N GLU C 5 11.44 -36.35 2.49
CA GLU C 5 10.90 -36.56 1.14
C GLU C 5 9.39 -36.75 1.17
N SER C 6 8.69 -35.89 1.90
CA SER C 6 7.24 -35.92 2.00
C SER C 6 6.62 -34.96 1.01
N TRP C 7 5.30 -35.08 0.84
CA TRP C 7 4.59 -34.17 -0.07
C TRP C 7 4.51 -32.77 0.53
N MET C 8 4.57 -32.67 1.85
CA MET C 8 4.56 -31.38 2.51
C MET C 8 5.86 -30.62 2.22
N GLN C 9 7.00 -31.29 2.41
CA GLN C 9 8.29 -30.65 2.16
C GLN C 9 8.42 -30.25 0.69
N ARG C 10 7.89 -31.07 -0.21
CA ARG C 10 7.96 -30.75 -1.64
C ARG C 10 7.07 -29.56 -2.01
N GLU C 11 5.83 -29.50 -1.49
CA GLU C 11 4.97 -28.37 -1.83
C GLU C 11 5.53 -27.04 -1.34
N VAL C 12 6.18 -27.07 -0.19
CA VAL C 12 6.72 -25.85 0.42
C VAL C 12 7.89 -25.32 -0.40
N TRP C 13 8.91 -26.14 -0.58
CA TRP C 13 10.13 -25.69 -1.20
C TRP C 13 9.93 -25.36 -2.67
N MET C 14 9.00 -26.04 -3.34
CA MET C 14 8.73 -25.71 -4.73
C MET C 14 7.87 -24.46 -4.85
N SER C 15 7.03 -24.18 -3.84
CA SER C 15 6.43 -22.86 -3.73
C SER C 15 7.49 -21.80 -3.46
N VAL C 16 8.53 -22.16 -2.70
CA VAL C 16 9.57 -21.18 -2.39
C VAL C 16 10.45 -20.94 -3.60
N PHE C 17 10.75 -21.99 -4.35
CA PHE C 17 11.67 -21.85 -5.46
C PHE C 17 11.12 -20.97 -6.58
N ARG C 18 9.82 -20.72 -6.60
CA ARG C 18 9.25 -19.80 -7.59
C ARG C 18 9.67 -18.35 -7.35
N TYR C 19 10.12 -18.00 -6.15
CA TYR C 19 10.50 -16.64 -5.81
C TYR C 19 12.01 -16.44 -5.80
N LEU C 20 12.77 -17.46 -6.19
CA LEU C 20 14.23 -17.40 -6.23
C LEU C 20 14.72 -17.02 -7.62
N SER C 21 15.76 -16.20 -7.68
CA SER C 21 16.36 -15.86 -8.95
C SER C 21 17.25 -17.00 -9.44
N ARG C 22 17.75 -16.85 -10.68
CA ARG C 22 18.61 -17.87 -11.27
C ARG C 22 19.85 -18.09 -10.43
N ARG C 23 20.32 -17.06 -9.73
CA ARG C 23 21.52 -17.20 -8.90
C ARG C 23 21.23 -18.04 -7.67
N GLU C 24 20.15 -17.73 -6.95
CA GLU C 24 19.86 -18.44 -5.72
C GLU C 24 19.39 -19.87 -5.97
N LEU C 25 18.79 -20.13 -7.14
CA LEU C 25 18.46 -21.51 -7.50
C LEU C 25 19.71 -22.35 -7.71
N CYS C 26 20.73 -21.77 -8.35
CA CYS C 26 21.94 -22.53 -8.64
C CYS C 26 22.69 -22.90 -7.37
N GLU C 27 22.46 -22.18 -6.28
CA GLU C 27 23.07 -22.52 -5.01
C GLU C 27 22.21 -23.44 -4.16
N CYS C 28 20.91 -23.52 -4.46
CA CYS C 28 20.05 -24.48 -3.79
C CYS C 28 20.22 -25.89 -4.34
N MET C 29 20.69 -26.05 -5.58
CA MET C 29 20.86 -27.40 -6.09
C MET C 29 21.92 -28.18 -5.35
N ARG C 30 22.81 -27.49 -4.62
CA ARG C 30 23.90 -28.16 -3.93
C ARG C 30 23.57 -28.48 -2.48
N VAL C 31 22.40 -28.08 -1.98
CA VAL C 31 22.05 -28.34 -0.59
C VAL C 31 21.90 -29.84 -0.34
N CYS C 32 21.06 -30.49 -1.13
CA CYS C 32 20.74 -31.90 -0.88
C CYS C 32 20.15 -32.49 -2.15
N LYS C 33 20.05 -33.82 -2.16
CA LYS C 33 19.61 -34.54 -3.35
C LYS C 33 18.18 -34.18 -3.74
N THR C 34 17.31 -33.90 -2.77
CA THR C 34 15.94 -33.56 -3.11
C THR C 34 15.84 -32.17 -3.72
N TRP C 35 16.52 -31.18 -3.12
CA TRP C 35 16.53 -29.83 -3.70
C TRP C 35 17.09 -29.82 -5.11
N TYR C 36 18.13 -30.62 -5.37
CA TYR C 36 18.67 -30.71 -6.72
C TYR C 36 17.61 -31.16 -7.71
N LYS C 37 16.72 -32.06 -7.29
CA LYS C 37 15.69 -32.57 -8.19
C LYS C 37 14.56 -31.56 -8.37
N TRP C 38 14.21 -30.83 -7.31
CA TRP C 38 13.12 -29.87 -7.44
C TRP C 38 13.57 -28.62 -8.19
N CYS C 39 14.85 -28.25 -8.11
CA CYS C 39 15.37 -27.11 -8.84
C CYS C 39 15.67 -27.40 -10.30
N CYS C 40 15.57 -28.65 -10.74
CA CYS C 40 15.90 -29.00 -12.12
C CYS C 40 14.67 -29.42 -12.92
N ASP C 41 13.53 -28.78 -12.66
CA ASP C 41 12.32 -29.03 -13.43
C ASP C 41 12.06 -27.83 -14.34
N LYS C 42 11.67 -28.11 -15.60
CA LYS C 42 11.59 -27.14 -16.69
C LYS C 42 10.57 -26.03 -16.45
N ARG C 43 10.04 -25.87 -15.24
CA ARG C 43 9.09 -24.81 -14.94
C ARG C 43 9.72 -23.62 -14.23
N LEU C 44 10.88 -23.81 -13.59
CA LEU C 44 11.56 -22.71 -12.92
C LEU C 44 12.43 -21.89 -13.86
N TRP C 45 12.69 -22.39 -15.07
CA TRP C 45 13.60 -21.73 -16.01
C TRP C 45 12.84 -21.52 -17.30
N THR C 46 12.23 -20.34 -17.43
CA THR C 46 11.52 -19.98 -18.65
C THR C 46 11.37 -18.47 -18.77
N ALA D 2 39.20 3.16 10.47
CA ALA D 2 38.27 2.33 11.23
C ALA D 2 38.63 2.34 12.71
N GLY D 3 39.90 2.14 13.01
CA GLY D 3 40.33 2.13 14.39
C GLY D 3 41.06 3.40 14.79
N ASP D 4 40.84 4.48 14.04
CA ASP D 4 41.50 5.76 14.30
C ASP D 4 40.74 6.54 15.37
N GLU D 5 41.43 7.51 15.96
CA GLU D 5 40.85 8.37 17.01
C GLU D 5 40.47 9.73 16.46
N SER D 6 39.72 9.73 15.38
CA SER D 6 39.22 10.95 14.77
C SER D 6 37.81 11.21 15.29
N TRP D 7 37.30 12.42 15.05
CA TRP D 7 35.95 12.69 15.50
C TRP D 7 34.92 11.93 14.67
N MET D 8 35.25 11.60 13.43
CA MET D 8 34.33 10.84 12.60
C MET D 8 34.20 9.41 13.13
N GLN D 9 35.34 8.75 13.35
CA GLN D 9 35.29 7.40 13.90
C GLN D 9 34.66 7.39 15.28
N ARG D 10 34.91 8.43 16.08
CA ARG D 10 34.28 8.46 17.39
C ARG D 10 32.77 8.62 17.29
N GLU D 11 32.27 9.51 16.41
CA GLU D 11 30.83 9.72 16.30
C GLU D 11 30.12 8.47 15.82
N VAL D 12 30.73 7.75 14.88
CA VAL D 12 30.13 6.57 14.25
C VAL D 12 30.01 5.44 15.23
N TRP D 13 31.12 5.03 15.83
CA TRP D 13 31.12 3.85 16.68
C TRP D 13 30.32 4.06 17.96
N MET D 14 30.24 5.29 18.48
CA MET D 14 29.41 5.43 19.67
C MET D 14 27.93 5.45 19.34
N SER D 15 27.56 5.89 18.14
CA SER D 15 26.20 5.64 17.67
C SER D 15 25.94 4.15 17.54
N VAL D 16 26.95 3.40 17.10
CA VAL D 16 26.78 1.95 16.96
C VAL D 16 26.76 1.29 18.34
N PHE D 17 27.63 1.74 19.24
CA PHE D 17 27.73 1.10 20.56
C PHE D 17 26.46 1.23 21.38
N ARG D 18 25.55 2.11 21.00
CA ARG D 18 24.28 2.24 21.72
C ARG D 18 23.43 0.98 21.58
N TYR D 19 23.73 0.09 20.64
CA TYR D 19 22.93 -1.10 20.37
C TYR D 19 23.54 -2.37 20.96
N LEU D 20 24.65 -2.27 21.68
CA LEU D 20 25.32 -3.41 22.27
C LEU D 20 24.94 -3.54 23.74
N SER D 21 24.78 -4.77 24.20
CA SER D 21 24.55 -4.99 25.61
C SER D 21 25.85 -4.83 26.38
N ARG D 22 25.75 -4.89 27.70
CA ARG D 22 26.95 -4.75 28.52
C ARG D 22 27.97 -5.84 28.21
N ARG D 23 27.51 -7.02 27.79
CA ARG D 23 28.43 -8.14 27.51
C ARG D 23 29.25 -7.86 26.24
N GLU D 24 28.60 -7.47 25.14
CA GLU D 24 29.33 -7.20 23.91
C GLU D 24 30.15 -5.93 24.00
N LEU D 25 29.77 -4.98 24.84
CA LEU D 25 30.65 -3.84 25.10
C LEU D 25 31.93 -4.32 25.78
N CYS D 26 31.81 -5.25 26.71
CA CYS D 26 32.99 -5.71 27.45
C CYS D 26 33.92 -6.52 26.58
N GLU D 27 33.42 -7.13 25.49
CA GLU D 27 34.32 -7.84 24.62
C GLU D 27 34.75 -6.97 23.44
N CYS D 28 34.06 -5.85 23.20
CA CYS D 28 34.52 -4.88 22.21
C CYS D 28 35.64 -3.99 22.72
N MET D 29 35.81 -3.86 24.03
CA MET D 29 36.93 -3.05 24.48
C MET D 29 38.27 -3.71 24.19
N ARG D 30 38.29 -5.00 23.84
CA ARG D 30 39.55 -5.68 23.55
C ARG D 30 39.97 -5.52 22.09
N VAL D 31 39.16 -4.86 21.25
CA VAL D 31 39.52 -4.71 19.84
C VAL D 31 40.77 -3.85 19.70
N CYS D 32 40.75 -2.66 20.30
CA CYS D 32 41.85 -1.71 20.16
C CYS D 32 41.76 -0.68 21.28
N LYS D 33 42.85 0.06 21.47
CA LYS D 33 42.93 1.02 22.58
C LYS D 33 41.88 2.11 22.46
N THR D 34 41.51 2.49 21.23
CA THR D 34 40.51 3.53 21.06
C THR D 34 39.13 3.02 21.45
N TRP D 35 38.73 1.84 20.96
CA TRP D 35 37.44 1.29 21.35
C TRP D 35 37.35 1.11 22.85
N TYR D 36 38.46 0.67 23.48
CA TYR D 36 38.50 0.44 24.92
C TYR D 36 38.05 1.67 25.69
N LYS D 37 38.39 2.86 25.20
CA LYS D 37 37.99 4.08 25.86
C LYS D 37 36.54 4.44 25.54
N TRP D 38 36.09 4.20 24.30
CA TRP D 38 34.71 4.52 23.96
C TRP D 38 33.71 3.54 24.56
N CYS D 39 34.11 2.28 24.74
CA CYS D 39 33.21 1.29 25.33
C CYS D 39 33.12 1.41 26.84
N CYS D 40 33.97 2.22 27.45
CA CYS D 40 34.00 2.45 28.89
C CYS D 40 33.57 3.88 29.18
N ASP D 41 32.58 4.34 28.45
CA ASP D 41 32.08 5.70 28.56
C ASP D 41 30.81 5.69 29.40
N LYS D 42 30.69 6.67 30.30
CA LYS D 42 29.64 6.65 31.30
C LYS D 42 28.26 6.74 30.69
N ARG D 43 28.14 7.27 29.47
CA ARG D 43 26.83 7.43 28.84
C ARG D 43 26.20 6.10 28.45
N LEU D 44 26.98 5.03 28.39
CA LEU D 44 26.49 3.72 28.00
C LEU D 44 26.18 2.83 29.19
N TRP D 45 26.78 3.09 30.36
CA TRP D 45 26.58 2.31 31.58
C TRP D 45 25.72 3.13 32.54
N THR D 46 24.42 3.13 32.30
CA THR D 46 23.49 3.86 33.17
C THR D 46 22.27 3.00 33.49
N ALA E 2 -6.46 15.79 3.11
CA ALA E 2 -5.05 15.51 2.92
C ALA E 2 -4.72 15.37 1.44
N MET E 3 -5.76 15.22 0.64
CA MET E 3 -5.67 15.04 -0.80
C MET E 3 -6.62 16.02 -1.49
N PRO E 4 -6.28 16.46 -2.73
CA PRO E 4 -7.10 17.50 -3.38
C PRO E 4 -8.58 17.18 -3.45
N SER E 5 -9.38 18.09 -2.91
CA SER E 5 -10.83 17.95 -2.91
C SER E 5 -11.42 19.22 -3.51
N ILE E 6 -12.70 19.13 -3.84
CA ILE E 6 -13.46 20.23 -4.43
C ILE E 6 -14.82 20.28 -3.74
N LYS E 7 -15.46 21.44 -3.83
CA LYS E 7 -16.72 21.69 -3.16
C LYS E 7 -17.87 21.73 -4.17
N LEU E 8 -18.95 21.04 -3.84
CA LEU E 8 -20.18 21.01 -4.64
C LEU E 8 -21.33 21.59 -3.85
N GLN E 9 -22.18 22.35 -4.53
CA GLN E 9 -23.30 23.05 -3.89
C GLN E 9 -24.60 22.37 -4.30
N SER E 10 -25.26 21.77 -3.32
CA SER E 10 -26.59 21.19 -3.54
C SER E 10 -27.56 22.27 -4.02
N SER E 11 -28.66 21.81 -4.62
CA SER E 11 -29.73 22.73 -4.99
C SER E 11 -30.33 23.41 -3.75
N ASP E 12 -30.28 22.74 -2.58
CA ASP E 12 -30.80 23.32 -1.34
C ASP E 12 -29.88 24.38 -0.76
N GLY E 13 -28.64 24.44 -1.23
CA GLY E 13 -27.63 25.36 -0.73
C GLY E 13 -26.49 24.70 0.03
N GLU E 14 -26.67 23.49 0.54
CA GLU E 14 -25.63 22.88 1.35
C GLU E 14 -24.40 22.56 0.50
N ILE E 15 -23.22 22.90 1.02
CA ILE E 15 -21.95 22.74 0.32
C ILE E 15 -21.26 21.49 0.84
N PHE E 16 -20.71 20.69 -0.08
CA PHE E 16 -20.14 19.39 0.23
C PHE E 16 -18.70 19.34 -0.29
N GLU E 17 -17.76 19.04 0.60
CA GLU E 17 -16.37 18.86 0.19
C GLU E 17 -16.15 17.38 -0.12
N VAL E 18 -15.73 17.09 -1.34
CA VAL E 18 -15.57 15.72 -1.81
C VAL E 18 -14.19 15.58 -2.45
N ASP E 19 -13.54 14.44 -2.19
CA ASP E 19 -12.28 14.15 -2.86
C ASP E 19 -12.45 14.25 -4.37
N VAL E 20 -11.44 14.81 -5.03
CA VAL E 20 -11.52 15.04 -6.46
C VAL E 20 -11.66 13.71 -7.20
N GLU E 21 -10.87 12.70 -6.81
CA GLU E 21 -10.89 11.42 -7.52
C GLU E 21 -12.25 10.73 -7.37
N ILE E 22 -12.91 10.91 -6.23
CA ILE E 22 -14.27 10.39 -6.07
C ILE E 22 -15.23 11.21 -6.92
N ALA E 23 -15.02 12.52 -7.00
CA ALA E 23 -15.88 13.35 -7.83
C ALA E 23 -15.71 13.04 -9.32
N LYS E 24 -14.51 12.66 -9.74
CA LYS E 24 -14.28 12.35 -11.15
C LYS E 24 -14.96 11.06 -11.59
N GLN E 25 -15.73 10.38 -10.72
CA GLN E 25 -16.60 9.32 -11.19
C GLN E 25 -17.74 9.86 -12.06
N SER E 26 -18.10 11.13 -11.91
CA SER E 26 -19.04 11.78 -12.81
C SER E 26 -18.28 12.39 -13.98
N VAL E 27 -18.57 11.93 -15.19
CA VAL E 27 -17.89 12.48 -16.35
C VAL E 27 -18.27 13.95 -16.53
N THR E 28 -19.51 14.31 -16.22
CA THR E 28 -19.94 15.70 -16.36
C THR E 28 -19.14 16.61 -15.44
N ILE E 29 -18.89 16.19 -14.20
CA ILE E 29 -18.03 17.01 -13.37
C ILE E 29 -16.58 16.87 -13.83
N LYS E 30 -16.19 15.67 -14.27
CA LYS E 30 -14.83 15.50 -14.78
C LYS E 30 -14.60 16.41 -15.98
N THR E 31 -15.62 16.56 -16.83
CA THR E 31 -15.45 17.39 -18.02
C THR E 31 -15.40 18.86 -17.67
N MET E 32 -16.14 19.28 -16.64
CA MET E 32 -16.09 20.69 -16.24
C MET E 32 -14.69 21.07 -15.78
N LEU E 33 -14.02 20.20 -15.01
CA LEU E 33 -12.64 20.47 -14.65
C LEU E 33 -11.71 20.33 -15.85
N GLU E 34 -12.08 19.49 -16.83
CA GLU E 34 -11.27 19.35 -18.03
C GLU E 34 -11.40 20.54 -18.97
N ASP E 35 -12.58 21.16 -19.03
CA ASP E 35 -12.82 22.32 -19.89
C ASP E 35 -12.40 23.60 -19.19
N ASP E 44 -11.50 26.53 -5.73
CA ASP E 44 -11.70 27.35 -4.55
C ASP E 44 -13.16 27.72 -4.34
N ASP E 45 -13.85 28.06 -5.43
CA ASP E 45 -15.27 28.37 -5.35
C ASP E 45 -16.09 27.10 -5.59
N PRO E 46 -17.19 26.90 -4.86
CA PRO E 46 -17.99 25.68 -5.07
C PRO E 46 -18.64 25.68 -6.45
N VAL E 47 -18.87 24.47 -6.95
CA VAL E 47 -19.57 24.27 -8.22
C VAL E 47 -21.06 24.11 -7.91
N PRO E 48 -21.93 24.94 -8.49
CA PRO E 48 -23.37 24.78 -8.23
C PRO E 48 -23.94 23.58 -8.98
N LEU E 49 -24.72 22.78 -8.25
CA LEU E 49 -25.54 21.72 -8.84
C LEU E 49 -26.99 22.04 -8.49
N PRO E 50 -27.61 22.99 -9.20
CA PRO E 50 -28.99 23.36 -8.87
C PRO E 50 -30.02 22.29 -9.20
N ASN E 51 -29.60 21.15 -9.74
CA ASN E 51 -30.49 20.05 -10.08
C ASN E 51 -30.34 18.85 -9.15
N VAL E 52 -29.48 18.93 -8.13
CA VAL E 52 -29.24 17.83 -7.19
C VAL E 52 -29.44 18.39 -5.78
N ASN E 53 -30.43 17.86 -5.08
CA ASN E 53 -30.67 18.33 -3.71
C ASN E 53 -29.67 17.67 -2.76
N ALA E 54 -29.72 18.08 -1.49
CA ALA E 54 -28.71 17.64 -0.53
C ALA E 54 -28.83 16.14 -0.22
N ALA E 55 -30.06 15.65 -0.07
CA ALA E 55 -30.27 14.24 0.25
C ALA E 55 -29.81 13.34 -0.89
N ILE E 56 -30.22 13.67 -2.11
CA ILE E 56 -29.80 12.90 -3.27
C ILE E 56 -28.30 13.01 -3.47
N LEU E 57 -27.74 14.20 -3.27
CA LEU E 57 -26.31 14.36 -3.45
C LEU E 57 -25.54 13.62 -2.36
N LYS E 58 -26.10 13.53 -1.16
CA LYS E 58 -25.50 12.72 -0.10
C LYS E 58 -25.46 11.25 -0.50
N LYS E 59 -26.53 10.74 -1.10
CA LYS E 59 -26.52 9.34 -1.48
C LYS E 59 -25.63 9.09 -2.70
N VAL E 60 -25.47 10.09 -3.58
CA VAL E 60 -24.51 9.98 -4.68
C VAL E 60 -23.09 9.87 -4.14
N ILE E 61 -22.73 10.72 -3.18
CA ILE E 61 -21.40 10.67 -2.60
C ILE E 61 -21.17 9.34 -1.89
N GLN E 62 -22.18 8.87 -1.15
CA GLN E 62 -22.06 7.58 -0.46
C GLN E 62 -21.78 6.46 -1.43
N TRP E 63 -22.57 6.39 -2.50
CA TRP E 63 -22.37 5.34 -3.49
C TRP E 63 -21.00 5.46 -4.14
N CYS E 64 -20.59 6.68 -4.49
CA CYS E 64 -19.29 6.89 -5.13
C CYS E 64 -18.14 6.56 -4.20
N THR E 65 -18.29 6.79 -2.91
CA THR E 65 -17.21 6.50 -1.98
C THR E 65 -16.97 5.01 -1.85
N HIS E 66 -18.04 4.22 -1.85
CA HIS E 66 -17.89 2.77 -1.67
C HIS E 66 -17.34 2.10 -2.92
N HIS E 67 -17.79 2.53 -4.09
CA HIS E 67 -17.29 2.03 -5.37
C HIS E 67 -16.04 2.76 -5.85
N LYS E 68 -15.27 3.37 -4.93
CA LYS E 68 -14.04 4.06 -5.28
C LYS E 68 -13.13 3.23 -6.17
N ASP E 69 -13.02 1.93 -5.89
CA ASP E 69 -12.07 1.06 -6.59
C ASP E 69 -12.75 0.12 -7.59
N ASP E 70 -13.46 0.67 -8.57
CA ASP E 70 -14.18 -0.13 -9.56
C ASP E 70 -13.67 0.19 -10.97
N PRO E 71 -13.37 -0.83 -11.80
CA PRO E 71 -12.92 -0.66 -13.18
C PRO E 71 -14.04 -0.58 -14.22
N ARG E 83 -31.26 -8.26 -17.68
CA ARG E 83 -29.99 -8.24 -16.97
C ARG E 83 -30.09 -7.45 -15.66
N THR E 84 -31.22 -7.60 -14.97
CA THR E 84 -31.46 -6.96 -13.68
C THR E 84 -31.19 -7.89 -12.51
N ASP E 85 -30.48 -9.00 -12.76
CA ASP E 85 -30.21 -10.03 -11.75
C ASP E 85 -28.83 -9.91 -11.11
N ASP E 86 -28.04 -8.91 -11.47
CA ASP E 86 -26.65 -8.84 -11.04
C ASP E 86 -26.36 -7.62 -10.17
N ILE E 87 -27.35 -7.11 -9.44
CA ILE E 87 -27.10 -5.98 -8.54
C ILE E 87 -26.39 -6.50 -7.30
N PRO E 88 -25.22 -5.95 -6.94
CA PRO E 88 -24.50 -6.41 -5.75
C PRO E 88 -25.33 -6.25 -4.48
N VAL E 89 -24.99 -7.09 -3.50
CA VAL E 89 -25.76 -7.12 -2.26
C VAL E 89 -25.72 -5.78 -1.56
N TRP E 90 -24.58 -5.09 -1.59
CA TRP E 90 -24.49 -3.81 -0.90
C TRP E 90 -25.37 -2.76 -1.56
N ASP E 91 -25.38 -2.72 -2.90
CA ASP E 91 -26.15 -1.70 -3.59
C ASP E 91 -27.65 -1.93 -3.42
N GLN E 92 -28.09 -3.18 -3.41
CA GLN E 92 -29.50 -3.47 -3.16
C GLN E 92 -29.92 -2.96 -1.79
N GLU E 93 -29.07 -3.18 -0.78
CA GLU E 93 -29.34 -2.68 0.56
C GLU E 93 -29.26 -1.16 0.61
N PHE E 94 -28.28 -0.58 -0.10
CA PHE E 94 -28.14 0.87 -0.18
C PHE E 94 -29.34 1.52 -0.87
N LEU E 95 -29.99 0.80 -1.77
CA LEU E 95 -31.12 1.33 -2.54
C LEU E 95 -32.47 1.01 -1.88
N LYS E 96 -32.46 0.63 -0.61
CA LYS E 96 -33.72 0.45 0.11
C LYS E 96 -34.18 1.84 0.57
N VAL E 97 -34.75 2.59 -0.39
CA VAL E 97 -35.21 3.95 -0.17
C VAL E 97 -36.58 4.12 -0.83
N ASP E 98 -37.22 5.25 -0.56
CA ASP E 98 -38.55 5.50 -1.10
C ASP E 98 -38.47 5.72 -2.61
N GLN E 99 -39.62 5.55 -3.26
CA GLN E 99 -39.64 5.61 -4.72
C GLN E 99 -39.14 6.95 -5.26
N GLY E 100 -39.53 8.05 -4.62
CA GLY E 100 -39.05 9.35 -5.07
C GLY E 100 -37.54 9.42 -5.07
N THR E 101 -36.90 8.85 -4.05
CA THR E 101 -35.44 8.84 -3.98
C THR E 101 -34.83 8.05 -5.14
N LEU E 102 -35.47 6.92 -5.51
CA LEU E 102 -34.98 6.16 -6.65
C LEU E 102 -35.05 6.97 -7.93
N PHE E 103 -36.20 7.61 -8.18
CA PHE E 103 -36.40 8.39 -9.41
C PHE E 103 -35.39 9.53 -9.51
N GLU E 104 -35.14 10.23 -8.41
CA GLU E 104 -34.19 11.33 -8.43
C GLU E 104 -32.76 10.83 -8.50
N LEU E 105 -32.50 9.62 -7.99
CA LEU E 105 -31.17 9.02 -8.10
C LEU E 105 -30.84 8.69 -9.54
N ILE E 106 -31.82 8.23 -10.31
CA ILE E 106 -31.63 7.96 -11.73
C ILE E 106 -31.38 9.27 -12.49
N LEU E 107 -32.11 10.34 -12.16
CA LEU E 107 -31.88 11.63 -12.82
C LEU E 107 -30.51 12.18 -12.48
N ALA E 108 -30.15 12.16 -11.19
CA ALA E 108 -28.85 12.67 -10.76
C ALA E 108 -27.72 11.83 -11.34
N ALA E 109 -27.89 10.52 -11.34
CA ALA E 109 -26.89 9.67 -11.96
C ALA E 109 -26.84 9.91 -13.46
N ASN E 110 -27.97 10.25 -14.08
CA ASN E 110 -27.97 10.54 -15.50
C ASN E 110 -27.30 11.87 -15.80
N TYR E 111 -27.69 12.94 -15.10
CA TYR E 111 -27.05 14.22 -15.34
C TYR E 111 -25.57 14.15 -15.06
N LEU E 112 -25.20 13.61 -13.90
CA LEU E 112 -23.79 13.45 -13.57
C LEU E 112 -23.14 12.37 -14.41
N ASP E 113 -23.94 11.50 -15.03
CA ASP E 113 -23.45 10.35 -15.78
C ASP E 113 -22.42 9.56 -14.96
N ILE E 114 -22.92 8.92 -13.91
CA ILE E 114 -22.18 7.92 -13.17
C ILE E 114 -22.75 6.58 -13.62
N LYS E 115 -22.03 5.91 -14.52
CA LYS E 115 -22.58 4.72 -15.16
C LYS E 115 -22.97 3.67 -14.14
N GLY E 116 -22.11 3.45 -13.14
CA GLY E 116 -22.42 2.43 -12.15
C GLY E 116 -23.68 2.72 -11.36
N LEU E 117 -23.87 3.99 -10.97
CA LEU E 117 -25.01 4.34 -10.13
C LEU E 117 -26.32 4.28 -10.90
N LEU E 118 -26.31 4.68 -12.17
CA LEU E 118 -27.51 4.63 -12.98
C LEU E 118 -27.92 3.19 -13.25
N ASP E 119 -26.94 2.31 -13.47
CA ASP E 119 -27.20 0.90 -13.74
C ASP E 119 -27.94 0.24 -12.58
N VAL E 120 -27.36 0.31 -11.37
CA VAL E 120 -27.96 -0.39 -10.23
C VAL E 120 -29.35 0.15 -9.96
N THR E 121 -29.57 1.45 -10.16
CA THR E 121 -30.85 2.06 -9.80
C THR E 121 -31.93 1.71 -10.81
N CYS E 122 -31.58 1.69 -12.09
CA CYS E 122 -32.57 1.30 -13.10
C CYS E 122 -32.91 -0.18 -12.98
N LYS E 123 -31.94 -1.01 -12.61
CA LYS E 123 -32.24 -2.41 -12.43
C LYS E 123 -33.11 -2.65 -11.20
N THR E 124 -32.92 -1.85 -10.14
CA THR E 124 -33.77 -1.97 -8.96
C THR E 124 -35.22 -1.58 -9.27
N VAL E 125 -35.40 -0.49 -10.03
CA VAL E 125 -36.76 -0.07 -10.38
C VAL E 125 -37.36 -1.03 -11.38
N ALA E 126 -36.55 -1.56 -12.30
CA ALA E 126 -37.05 -2.55 -13.25
C ALA E 126 -37.55 -3.81 -12.56
N ASN E 127 -36.99 -4.13 -11.39
CA ASN E 127 -37.42 -5.31 -10.67
C ASN E 127 -38.79 -5.11 -10.02
N MET E 128 -39.26 -3.88 -9.92
CA MET E 128 -40.60 -3.61 -9.38
C MET E 128 -41.68 -3.56 -10.47
N ILE E 129 -41.35 -3.88 -11.72
CA ILE E 129 -42.36 -4.02 -12.76
C ILE E 129 -42.23 -5.41 -13.34
N LYS E 130 -41.02 -5.97 -13.25
CA LYS E 130 -40.75 -7.28 -13.81
C LYS E 130 -41.60 -8.34 -13.12
N GLY E 131 -42.32 -9.11 -13.91
CA GLY E 131 -43.11 -10.21 -13.40
C GLY E 131 -44.39 -9.87 -12.69
N LYS E 132 -44.93 -8.67 -12.87
CA LYS E 132 -46.16 -8.27 -12.20
C LYS E 132 -47.23 -7.93 -13.23
N THR E 133 -48.48 -8.31 -12.95
CA THR E 133 -49.58 -7.96 -13.83
C THR E 133 -49.68 -6.44 -13.96
N PRO E 134 -50.17 -5.95 -15.09
CA PRO E 134 -50.39 -4.49 -15.22
C PRO E 134 -51.20 -3.88 -14.10
N GLU E 135 -52.27 -4.55 -13.63
CA GLU E 135 -53.06 -3.99 -12.55
C GLU E 135 -52.23 -3.82 -11.28
N GLU E 136 -51.34 -4.78 -11.01
CA GLU E 136 -50.47 -4.71 -9.84
C GLU E 136 -49.42 -3.62 -9.98
N ILE E 137 -49.06 -3.26 -11.22
CA ILE E 137 -48.11 -2.18 -11.45
C ILE E 137 -48.67 -0.84 -10.98
N ARG E 138 -49.97 -0.62 -11.18
CA ARG E 138 -50.59 0.64 -10.77
C ARG E 138 -50.48 0.84 -9.26
N LYS E 139 -50.72 -0.22 -8.48
CA LYS E 139 -50.72 -0.08 -7.03
C LYS E 139 -49.35 0.26 -6.48
N THR E 140 -48.28 -0.25 -7.08
CA THR E 140 -46.94 0.03 -6.58
C THR E 140 -46.53 1.48 -6.77
N PHE E 141 -46.76 2.03 -7.96
CA PHE E 141 -46.31 3.37 -8.29
C PHE E 141 -47.43 4.41 -8.18
N ASN E 142 -48.60 4.02 -7.68
CA ASN E 142 -49.75 4.93 -7.56
C ASN E 142 -50.02 5.61 -8.89
N ILE E 143 -50.18 4.80 -9.93
CA ILE E 143 -50.48 5.29 -11.27
C ILE E 143 -51.98 5.14 -11.49
N LYS E 144 -52.64 6.24 -11.79
CA LYS E 144 -54.07 6.24 -12.07
C LYS E 144 -54.35 5.63 -13.44
N ASN E 145 -55.59 5.16 -13.63
CA ASN E 145 -55.96 4.55 -14.91
C ASN E 145 -56.56 5.63 -15.80
N ASP E 146 -55.67 6.29 -16.56
CA ASP E 146 -56.07 7.39 -17.44
C ASP E 146 -56.60 6.86 -18.77
N ASP F 4 -47.21 13.20 -14.18
CA ASP F 4 -47.07 11.96 -14.95
C ASP F 4 -46.37 12.20 -16.28
N GLU F 5 -46.67 13.34 -16.91
CA GLU F 5 -46.09 13.68 -18.22
C GLU F 5 -44.99 14.74 -18.08
N SER F 6 -44.05 14.50 -17.18
CA SER F 6 -42.94 15.41 -17.03
C SER F 6 -41.75 14.90 -17.83
N TRP F 7 -40.75 15.77 -18.03
CA TRP F 7 -39.55 15.35 -18.74
C TRP F 7 -38.71 14.43 -17.86
N MET F 8 -38.89 14.53 -16.56
CA MET F 8 -38.20 13.68 -15.62
C MET F 8 -38.75 12.26 -15.71
N GLN F 9 -40.07 12.13 -15.74
CA GLN F 9 -40.71 10.83 -15.84
C GLN F 9 -40.32 10.16 -17.15
N ARG F 10 -40.31 10.94 -18.24
CA ARG F 10 -40.03 10.37 -19.55
C ARG F 10 -38.59 9.92 -19.57
N GLU F 11 -37.72 10.75 -19.02
CA GLU F 11 -36.32 10.39 -18.90
C GLU F 11 -36.14 9.18 -17.98
N VAL F 12 -36.87 9.14 -16.86
CA VAL F 12 -36.68 8.08 -15.88
C VAL F 12 -37.19 6.75 -16.42
N TRP F 13 -38.46 6.71 -16.81
CA TRP F 13 -39.07 5.45 -17.16
C TRP F 13 -38.44 4.86 -18.42
N MET F 14 -37.99 5.70 -19.36
CA MET F 14 -37.37 5.14 -20.55
C MET F 14 -35.94 4.70 -20.29
N SER F 15 -35.25 5.33 -19.34
CA SER F 15 -34.00 4.75 -18.86
C SER F 15 -34.26 3.43 -18.15
N VAL F 16 -35.41 3.31 -17.49
CA VAL F 16 -35.76 2.06 -16.82
C VAL F 16 -36.17 1.00 -17.86
N PHE F 17 -36.89 1.43 -18.91
CA PHE F 17 -37.40 0.50 -19.91
C PHE F 17 -36.28 -0.18 -20.69
N ARG F 18 -35.05 0.35 -20.62
CA ARG F 18 -33.94 -0.30 -21.29
C ARG F 18 -33.67 -1.68 -20.71
N TYR F 19 -34.17 -1.95 -19.51
CA TYR F 19 -33.93 -3.21 -18.81
C TYR F 19 -35.11 -4.19 -18.91
N LEU F 20 -36.14 -3.88 -19.70
CA LEU F 20 -37.32 -4.73 -19.79
C LEU F 20 -37.28 -5.65 -21.00
N SER F 21 -37.78 -6.88 -20.81
CA SER F 21 -37.92 -7.83 -21.90
C SER F 21 -39.15 -7.47 -22.74
N ARG F 22 -39.30 -8.15 -23.87
CA ARG F 22 -40.43 -7.86 -24.76
C ARG F 22 -41.77 -8.11 -24.07
N ARG F 23 -41.81 -9.07 -23.15
CA ARG F 23 -43.07 -9.37 -22.47
C ARG F 23 -43.43 -8.25 -21.50
N GLU F 24 -42.48 -7.86 -20.66
CA GLU F 24 -42.75 -6.80 -19.71
C GLU F 24 -42.84 -5.43 -20.37
N LEU F 25 -42.20 -5.23 -21.52
CA LEU F 25 -42.43 -3.97 -22.24
C LEU F 25 -43.85 -3.92 -22.80
N CYS F 26 -44.35 -5.02 -23.36
CA CYS F 26 -45.69 -5.00 -23.93
C CYS F 26 -46.77 -4.94 -22.85
N GLU F 27 -46.48 -5.41 -21.63
CA GLU F 27 -47.47 -5.35 -20.57
C GLU F 27 -47.35 -4.09 -19.72
N CYS F 28 -46.23 -3.38 -19.81
CA CYS F 28 -46.12 -2.08 -19.14
C CYS F 28 -46.84 -1.00 -19.92
N MET F 29 -47.12 -1.23 -21.20
CA MET F 29 -47.85 -0.27 -22.01
C MET F 29 -49.32 -0.15 -21.60
N ARG F 30 -49.83 -1.11 -20.82
CA ARG F 30 -51.23 -1.13 -20.44
C ARG F 30 -51.55 -0.37 -19.14
N VAL F 31 -50.55 0.20 -18.46
CA VAL F 31 -50.83 0.90 -17.21
C VAL F 31 -51.67 2.15 -17.46
N CYS F 32 -51.25 3.02 -18.39
CA CYS F 32 -51.93 4.28 -18.63
C CYS F 32 -51.50 4.81 -19.99
N LYS F 33 -52.23 5.82 -20.47
CA LYS F 33 -52.01 6.34 -21.81
C LYS F 33 -50.60 6.93 -21.97
N THR F 34 -50.00 7.44 -20.89
CA THR F 34 -48.70 8.09 -21.00
C THR F 34 -47.60 7.07 -21.33
N TRP F 35 -47.59 5.95 -20.62
CA TRP F 35 -46.61 4.89 -20.86
C TRP F 35 -46.67 4.36 -22.28
N TYR F 36 -47.88 4.21 -22.84
CA TYR F 36 -48.05 3.60 -24.15
C TYR F 36 -47.21 4.27 -25.24
N LYS F 37 -47.00 5.58 -25.14
CA LYS F 37 -46.19 6.26 -26.14
C LYS F 37 -44.70 6.02 -25.93
N TRP F 38 -44.27 5.88 -24.67
CA TRP F 38 -42.86 5.62 -24.40
C TRP F 38 -42.45 4.19 -24.70
N CYS F 39 -43.38 3.24 -24.57
CA CYS F 39 -43.06 1.83 -24.81
C CYS F 39 -42.98 1.45 -26.29
N CYS F 40 -43.36 2.34 -27.20
CA CYS F 40 -43.34 2.05 -28.63
C CYS F 40 -42.29 2.89 -29.36
N ASP F 41 -41.13 3.10 -28.73
CA ASP F 41 -40.04 3.87 -29.30
C ASP F 41 -38.92 2.92 -29.73
N LYS F 42 -38.36 3.19 -30.91
CA LYS F 42 -37.40 2.28 -31.53
C LYS F 42 -36.11 2.18 -30.72
N GLY G 1 -26.22 45.42 -34.39
CA GLY G 1 -25.30 46.50 -34.10
C GLY G 1 -24.25 46.13 -33.08
N SER G 2 -24.61 46.25 -31.79
CA SER G 2 -23.80 45.74 -30.69
C SER G 2 -24.04 44.26 -30.45
N GLY G 3 -24.73 43.58 -31.36
CA GLY G 3 -25.07 42.19 -31.16
C GLY G 3 -23.88 41.27 -31.08
N MET G 4 -23.61 40.75 -29.89
CA MET G 4 -22.56 39.79 -29.66
C MET G 4 -23.15 38.39 -29.69
N GLN G 5 -22.29 37.39 -29.65
CA GLN G 5 -22.73 36.01 -29.60
C GLN G 5 -22.10 35.30 -28.42
N ILE G 6 -22.93 34.61 -27.65
CA ILE G 6 -22.47 33.78 -26.55
C ILE G 6 -22.85 32.34 -26.84
N PHE G 7 -22.31 31.44 -26.02
CA PHE G 7 -22.49 30.01 -26.15
C PHE G 7 -23.03 29.48 -24.83
N VAL G 8 -23.96 28.54 -24.90
CA VAL G 8 -24.55 27.94 -23.69
C VAL G 8 -24.42 26.43 -23.80
N LYS G 9 -23.69 25.83 -22.86
CA LYS G 9 -23.56 24.38 -22.81
C LYS G 9 -24.72 23.80 -22.03
N THR G 10 -25.35 22.77 -22.61
CA THR G 10 -26.54 22.15 -22.04
C THR G 10 -26.32 20.65 -21.88
N ARG G 11 -26.99 20.07 -20.88
CA ARG G 11 -27.03 18.62 -20.75
C ARG G 11 -28.39 18.23 -20.18
N HIS G 12 -29.29 17.81 -21.05
CA HIS G 12 -30.67 17.52 -20.66
C HIS G 12 -31.26 16.58 -21.70
N SER G 13 -32.49 16.15 -21.44
CA SER G 13 -33.20 15.20 -22.29
C SER G 13 -34.48 15.80 -22.87
N TYR G 14 -34.57 17.12 -22.94
CA TYR G 14 -35.83 17.79 -23.25
C TYR G 14 -36.29 17.53 -24.69
N LYS G 15 -35.37 17.23 -25.61
CA LYS G 15 -35.79 17.01 -26.98
C LYS G 15 -36.61 15.71 -27.11
N HIS G 16 -36.04 14.57 -26.71
CA HIS G 16 -36.78 13.32 -26.86
C HIS G 16 -36.89 12.46 -25.59
N GLY G 17 -35.90 12.53 -24.69
CA GLY G 17 -35.94 11.68 -23.50
C GLY G 17 -34.62 11.01 -23.16
N LEU G 18 -33.62 11.10 -24.02
CA LEU G 18 -32.28 10.63 -23.68
C LEU G 18 -31.43 11.84 -23.35
N ILE G 19 -30.62 11.74 -22.29
CA ILE G 19 -29.78 12.87 -21.93
C ILE G 19 -28.74 13.04 -23.03
N GLU G 20 -28.36 14.29 -23.28
CA GLU G 20 -27.59 14.60 -24.47
C GLU G 20 -26.87 15.94 -24.30
N ASN G 21 -25.65 16.03 -24.85
CA ASN G 21 -24.87 17.25 -24.80
C ASN G 21 -24.99 18.02 -26.09
N SER G 22 -25.06 19.35 -25.95
CA SER G 22 -25.17 20.24 -27.09
C SER G 22 -24.90 21.65 -26.57
N THR G 23 -24.15 22.40 -27.35
CA THR G 23 -23.93 23.81 -27.09
C THR G 23 -24.79 24.58 -28.07
N ILE G 24 -25.53 25.57 -27.58
CA ILE G 24 -26.37 26.39 -28.43
C ILE G 24 -25.78 27.78 -28.49
N THR G 25 -26.07 28.48 -29.59
CA THR G 25 -25.57 29.83 -29.82
C THR G 25 -26.71 30.83 -29.69
N LEU G 26 -26.49 31.89 -28.93
CA LEU G 26 -27.46 32.96 -28.77
C LEU G 26 -26.85 34.28 -29.24
N GLU G 27 -27.66 35.11 -29.89
CA GLU G 27 -27.27 36.48 -30.19
C GLU G 27 -27.92 37.42 -29.19
N VAL G 28 -27.11 38.23 -28.52
CA VAL G 28 -27.51 38.98 -27.35
C VAL G 28 -26.90 40.36 -27.38
N GLU G 29 -27.45 41.23 -26.57
CA GLU G 29 -26.84 42.51 -26.23
C GLU G 29 -26.29 42.43 -24.82
N PRO G 30 -25.20 43.15 -24.53
CA PRO G 30 -24.72 43.20 -23.14
C PRO G 30 -25.78 43.69 -22.15
N SER G 31 -26.67 44.58 -22.60
CA SER G 31 -27.78 45.08 -21.77
C SER G 31 -28.86 44.03 -21.51
N ASP G 32 -28.87 42.93 -22.25
CA ASP G 32 -29.94 41.94 -22.15
C ASP G 32 -29.97 41.35 -20.76
N THR G 33 -31.18 41.19 -20.22
CA THR G 33 -31.33 40.59 -18.91
C THR G 33 -31.23 39.08 -18.99
N ILE G 34 -30.99 38.46 -17.83
CA ILE G 34 -30.96 37.02 -17.77
C ILE G 34 -32.33 36.48 -18.16
N GLU G 35 -33.39 37.21 -17.79
CA GLU G 35 -34.72 36.80 -18.21
C GLU G 35 -34.80 36.73 -19.74
N ASN G 36 -34.27 37.74 -20.44
CA ASN G 36 -34.30 37.70 -21.89
C ASN G 36 -33.49 36.54 -22.44
N VAL G 37 -32.34 36.26 -21.83
CA VAL G 37 -31.55 35.11 -22.29
C VAL G 37 -32.37 33.82 -22.16
N LYS G 38 -33.09 33.67 -21.05
CA LYS G 38 -33.92 32.47 -20.90
C LYS G 38 -35.05 32.46 -21.93
N ALA G 39 -35.58 33.62 -22.28
CA ALA G 39 -36.62 33.66 -23.31
C ALA G 39 -36.06 33.26 -24.67
N LYS G 40 -34.80 33.61 -24.95
CA LYS G 40 -34.18 33.21 -26.21
C LYS G 40 -33.82 31.74 -26.22
N ILE G 41 -33.52 31.16 -25.05
CA ILE G 41 -33.28 29.72 -24.99
C ILE G 41 -34.59 28.95 -25.19
N GLN G 42 -35.69 29.48 -24.66
CA GLN G 42 -36.98 28.84 -24.90
C GLN G 42 -37.36 28.88 -26.37
N ASP G 43 -36.90 29.91 -27.09
CA ASP G 43 -37.19 30.01 -28.52
C ASP G 43 -36.45 28.92 -29.29
N LYS G 44 -35.20 28.64 -28.95
CA LYS G 44 -34.42 27.66 -29.67
C LYS G 44 -34.61 26.24 -29.15
N GLU G 45 -34.95 26.09 -27.86
CA GLU G 45 -35.05 24.78 -27.23
C GLU G 45 -36.44 24.41 -26.75
N GLY G 46 -37.37 25.37 -26.63
CA GLY G 46 -38.68 25.04 -26.13
C GLY G 46 -38.76 24.88 -24.62
N ILE G 47 -37.66 25.11 -23.91
CA ILE G 47 -37.61 24.96 -22.45
C ILE G 47 -38.15 26.21 -21.77
N PRO G 48 -39.19 26.12 -20.95
CA PRO G 48 -39.72 27.31 -20.28
C PRO G 48 -38.68 27.93 -19.36
N PRO G 49 -38.66 29.26 -19.25
CA PRO G 49 -37.60 29.90 -18.46
C PRO G 49 -37.62 29.55 -16.99
N ASP G 50 -38.79 29.19 -16.44
CA ASP G 50 -38.89 28.82 -15.03
C ASP G 50 -38.24 27.47 -14.74
N GLN G 51 -37.79 26.76 -15.77
CA GLN G 51 -37.09 25.49 -15.65
C GLN G 51 -35.63 25.60 -16.06
N GLN G 52 -35.15 26.81 -16.32
CA GLN G 52 -33.76 27.02 -16.67
C GLN G 52 -33.04 27.65 -15.50
N VAL G 53 -31.82 27.18 -15.28
CA VAL G 53 -30.86 27.86 -14.41
C VAL G 53 -29.58 27.99 -15.20
N LEU G 54 -29.07 29.22 -15.28
CA LEU G 54 -27.85 29.49 -16.02
C LEU G 54 -26.74 29.83 -15.03
N ILE G 55 -25.52 29.42 -15.39
CA ILE G 55 -24.36 29.57 -14.54
C ILE G 55 -23.24 30.11 -15.39
N PHE G 56 -22.49 31.06 -14.83
CA PHE G 56 -21.30 31.61 -15.47
C PHE G 56 -20.17 31.55 -14.47
N SER G 57 -19.12 30.80 -14.79
CA SER G 57 -17.94 30.67 -13.95
C SER G 57 -18.30 30.35 -12.51
N ARG G 58 -19.05 29.25 -12.34
CA ARG G 58 -19.46 28.75 -11.02
C ARG G 58 -20.32 29.75 -10.25
N LYS G 59 -20.93 30.74 -10.92
CA LYS G 59 -21.82 31.71 -10.28
C LYS G 59 -23.20 31.62 -10.91
N ARG G 60 -24.22 31.46 -10.07
CA ARG G 60 -25.61 31.40 -10.55
C ARG G 60 -26.08 32.78 -10.98
N LEU G 61 -26.70 32.85 -12.16
CA LEU G 61 -27.14 34.11 -12.72
C LEU G 61 -28.56 34.41 -12.25
N GLU G 62 -28.73 35.53 -11.53
CA GLU G 62 -30.05 35.90 -11.06
C GLU G 62 -30.81 36.67 -12.14
N ASP G 63 -32.14 36.56 -12.10
CA ASP G 63 -32.99 36.96 -13.22
C ASP G 63 -32.82 38.44 -13.58
N GLY G 64 -33.13 39.34 -12.65
CA GLY G 64 -33.23 40.76 -12.97
C GLY G 64 -31.96 41.53 -13.34
N ARG G 65 -30.87 40.83 -13.66
CA ARG G 65 -29.60 41.46 -13.98
C ARG G 65 -29.19 41.16 -15.41
N THR G 66 -28.23 41.93 -15.91
CA THR G 66 -27.79 41.88 -17.30
C THR G 66 -26.57 41.00 -17.44
N LEU G 67 -26.23 40.70 -18.70
CA LEU G 67 -24.99 39.99 -18.96
C LEU G 67 -23.78 40.85 -18.66
N SER G 68 -23.89 42.17 -18.85
CA SER G 68 -22.80 43.07 -18.48
C SER G 68 -22.56 43.09 -16.97
N ASP G 69 -23.60 42.87 -16.17
CA ASP G 69 -23.42 42.85 -14.72
C ASP G 69 -22.49 41.73 -14.28
N TYR G 70 -22.46 40.62 -15.04
CA TYR G 70 -21.54 39.53 -14.82
C TYR G 70 -20.32 39.60 -15.72
N ASN G 71 -20.10 40.73 -16.37
CA ASN G 71 -19.09 40.93 -17.40
C ASN G 71 -19.00 39.68 -18.30
N ILE G 72 -20.10 39.42 -18.99
CA ILE G 72 -20.20 38.35 -19.96
C ILE G 72 -20.01 39.00 -21.32
N GLN G 73 -18.83 38.80 -21.91
CA GLN G 73 -18.48 39.51 -23.12
C GLN G 73 -18.78 38.65 -24.33
N LYS G 74 -18.36 39.14 -25.50
CA LYS G 74 -18.47 38.36 -26.73
C LYS G 74 -17.84 37.00 -26.57
N GLU G 75 -18.46 35.99 -27.20
CA GLU G 75 -17.96 34.62 -27.24
C GLU G 75 -17.74 34.02 -25.84
N SER G 76 -18.51 34.48 -24.85
CA SER G 76 -18.49 33.85 -23.54
C SER G 76 -19.34 32.58 -23.55
N THR G 77 -19.07 31.70 -22.60
CA THR G 77 -19.74 30.41 -22.53
C THR G 77 -20.52 30.34 -21.22
N LEU G 78 -21.83 30.22 -21.33
CA LEU G 78 -22.69 30.00 -20.19
C LEU G 78 -22.97 28.51 -20.06
N ARG G 79 -23.45 28.11 -18.89
CA ARG G 79 -23.84 26.73 -18.64
C ARG G 79 -25.30 26.72 -18.24
N LEU G 80 -26.09 25.91 -18.93
CA LEU G 80 -27.51 25.80 -18.66
C LEU G 80 -27.78 24.49 -17.93
N VAL G 81 -28.44 24.58 -16.77
CA VAL G 81 -28.91 23.42 -16.04
C VAL G 81 -30.43 23.47 -16.05
N LEU G 82 -31.04 22.39 -16.53
CA LEU G 82 -32.49 22.28 -16.63
C LEU G 82 -33.04 21.67 -15.34
N VAL G 83 -33.98 22.36 -14.71
CA VAL G 83 -34.53 21.90 -13.45
C VAL G 83 -36.04 21.73 -13.55
N PHE G 84 -36.59 21.27 -12.45
CA PHE G 84 -37.97 20.88 -12.36
C PHE G 84 -38.92 22.05 -11.97
N SER H 2 -21.34 -51.05 -10.89
CA SER H 2 -20.95 -51.09 -9.48
C SER H 2 -22.00 -50.45 -8.58
N GLY H 3 -23.20 -50.25 -9.09
CA GLY H 3 -24.23 -49.59 -8.32
C GLY H 3 -24.20 -48.09 -8.51
N MET H 4 -23.56 -47.38 -7.58
CA MET H 4 -23.47 -45.94 -7.62
C MET H 4 -22.16 -45.40 -8.18
N GLN H 5 -22.21 -44.13 -8.55
CA GLN H 5 -21.07 -43.32 -8.91
C GLN H 5 -21.19 -42.04 -8.10
N ILE H 6 -20.13 -41.70 -7.35
CA ILE H 6 -20.06 -40.44 -6.63
C ILE H 6 -18.85 -39.66 -7.13
N PHE H 7 -18.75 -38.42 -6.67
CA PHE H 7 -17.70 -37.48 -7.09
C PHE H 7 -16.93 -37.00 -5.88
N VAL H 8 -15.61 -36.88 -6.03
CA VAL H 8 -14.74 -36.37 -4.99
C VAL H 8 -13.96 -35.20 -5.55
N LYS H 9 -14.17 -34.01 -4.99
CA LYS H 9 -13.36 -32.86 -5.38
C LYS H 9 -12.15 -32.76 -4.46
N THR H 10 -10.99 -32.52 -5.06
CA THR H 10 -9.72 -32.50 -4.35
C THR H 10 -8.99 -31.19 -4.61
N ARG H 11 -8.15 -30.80 -3.66
CA ARG H 11 -7.21 -29.69 -3.83
C ARG H 11 -5.96 -30.07 -3.04
N HIS H 12 -4.95 -30.56 -3.73
CA HIS H 12 -3.73 -31.08 -3.14
C HIS H 12 -2.61 -30.96 -4.15
N SER H 13 -1.40 -31.29 -3.72
CA SER H 13 -0.22 -31.22 -4.56
C SER H 13 0.45 -32.58 -4.74
N TYR H 14 -0.29 -33.67 -4.53
CA TYR H 14 0.31 -35.00 -4.44
C TYR H 14 0.84 -35.53 -5.76
N LYS H 15 0.23 -35.16 -6.90
CA LYS H 15 0.66 -35.76 -8.16
C LYS H 15 2.07 -35.34 -8.55
N HIS H 16 2.32 -34.04 -8.70
CA HIS H 16 3.65 -33.58 -9.09
C HIS H 16 4.28 -32.58 -8.14
N GLY H 17 3.51 -31.86 -7.36
CA GLY H 17 4.13 -30.98 -6.38
C GLY H 17 3.52 -29.60 -6.34
N LEU H 18 2.69 -29.32 -7.34
CA LEU H 18 1.96 -28.07 -7.43
C LEU H 18 0.52 -28.35 -7.02
N ILE H 19 -0.03 -27.47 -6.19
CA ILE H 19 -1.40 -27.66 -5.75
C ILE H 19 -2.34 -27.43 -6.92
N GLU H 20 -3.44 -28.16 -6.95
CA GLU H 20 -4.33 -28.11 -8.10
C GLU H 20 -5.68 -28.71 -7.74
N ASN H 21 -6.72 -28.20 -8.42
CA ASN H 21 -8.09 -28.64 -8.24
C ASN H 21 -8.48 -29.67 -9.29
N SER H 22 -9.27 -30.66 -8.88
CA SER H 22 -9.75 -31.69 -9.79
C SER H 22 -10.85 -32.49 -9.10
N THR H 23 -11.88 -32.84 -9.84
CA THR H 23 -12.92 -33.73 -9.36
C THR H 23 -12.76 -35.10 -10.01
N ILE H 24 -12.79 -36.15 -9.19
CA ILE H 24 -12.64 -37.51 -9.68
C ILE H 24 -13.95 -38.27 -9.44
N THR H 25 -14.15 -39.31 -10.25
CA THR H 25 -15.34 -40.15 -10.20
C THR H 25 -14.99 -41.49 -9.58
N LEU H 26 -15.80 -41.93 -8.61
CA LEU H 26 -15.63 -43.25 -8.02
C LEU H 26 -16.89 -44.08 -8.26
N GLU H 27 -16.70 -45.37 -8.46
CA GLU H 27 -17.80 -46.32 -8.52
C GLU H 27 -17.92 -46.99 -7.16
N VAL H 28 -19.11 -46.93 -6.59
CA VAL H 28 -19.32 -47.26 -5.19
C VAL H 28 -20.61 -48.04 -5.05
N GLU H 29 -20.71 -48.77 -3.94
CA GLU H 29 -21.93 -49.37 -3.46
C GLU H 29 -22.43 -48.57 -2.25
N PRO H 30 -23.74 -48.47 -2.05
CA PRO H 30 -24.22 -47.82 -0.81
C PRO H 30 -23.70 -48.50 0.44
N SER H 31 -23.45 -49.81 0.38
CA SER H 31 -22.87 -50.55 1.51
C SER H 31 -21.40 -50.25 1.76
N ASP H 32 -20.72 -49.59 0.84
CA ASP H 32 -19.27 -49.43 0.96
C ASP H 32 -18.88 -48.64 2.21
N THR H 33 -17.84 -49.12 2.89
CA THR H 33 -17.33 -48.39 4.04
C THR H 33 -16.41 -47.27 3.60
N ILE H 34 -16.21 -46.31 4.51
CA ILE H 34 -15.33 -45.18 4.23
C ILE H 34 -13.90 -45.66 3.99
N GLU H 35 -13.49 -46.73 4.67
CA GLU H 35 -12.17 -47.31 4.38
C GLU H 35 -12.08 -47.74 2.94
N ASN H 36 -13.12 -48.41 2.44
CA ASN H 36 -13.12 -48.86 1.06
C ASN H 36 -13.11 -47.68 0.09
N VAL H 37 -13.87 -46.63 0.41
CA VAL H 37 -13.82 -45.43 -0.43
C VAL H 37 -12.41 -44.87 -0.47
N LYS H 38 -11.74 -44.81 0.70
CA LYS H 38 -10.37 -44.32 0.69
C LYS H 38 -9.42 -45.26 -0.05
N ALA H 39 -9.66 -46.57 0.04
CA ALA H 39 -8.83 -47.49 -0.71
C ALA H 39 -9.02 -47.31 -2.21
N LYS H 40 -10.23 -46.97 -2.66
CA LYS H 40 -10.43 -46.70 -4.07
C LYS H 40 -9.81 -45.37 -4.48
N ILE H 41 -9.69 -44.42 -3.55
CA ILE H 41 -8.98 -43.18 -3.85
C ILE H 41 -7.48 -43.44 -3.97
N GLN H 42 -6.95 -44.33 -3.13
CA GLN H 42 -5.53 -44.68 -3.25
C GLN H 42 -5.23 -45.39 -4.56
N ASP H 43 -6.21 -46.08 -5.15
CA ASP H 43 -5.94 -46.79 -6.40
C ASP H 43 -5.71 -45.84 -7.56
N LYS H 44 -6.51 -44.77 -7.67
CA LYS H 44 -6.31 -43.83 -8.77
C LYS H 44 -5.38 -42.68 -8.42
N GLU H 45 -5.22 -42.35 -7.13
CA GLU H 45 -4.46 -41.17 -6.75
C GLU H 45 -3.15 -41.51 -6.07
N GLY H 46 -2.98 -42.73 -5.58
CA GLY H 46 -1.75 -43.09 -4.90
C GLY H 46 -1.62 -42.52 -3.50
N ILE H 47 -2.64 -41.84 -2.99
CA ILE H 47 -2.56 -41.27 -1.64
C ILE H 47 -2.90 -42.31 -0.60
N PRO H 48 -2.03 -42.60 0.36
CA PRO H 48 -2.35 -43.61 1.36
C PRO H 48 -3.58 -43.21 2.15
N PRO H 49 -4.37 -44.19 2.61
CA PRO H 49 -5.61 -43.84 3.32
C PRO H 49 -5.37 -43.07 4.60
N ASP H 50 -4.23 -43.25 5.27
CA ASP H 50 -3.96 -42.52 6.50
C ASP H 50 -3.67 -41.04 6.25
N GLN H 51 -3.55 -40.64 4.99
CA GLN H 51 -3.36 -39.24 4.62
C GLN H 51 -4.58 -38.62 3.95
N GLN H 52 -5.71 -39.33 3.96
CA GLN H 52 -6.96 -38.82 3.41
C GLN H 52 -7.92 -38.51 4.55
N VAL H 53 -8.67 -37.42 4.42
CA VAL H 53 -9.83 -37.15 5.24
C VAL H 53 -10.95 -36.78 4.29
N LEU H 54 -12.11 -37.41 4.45
CA LEU H 54 -13.24 -37.16 3.56
C LEU H 54 -14.35 -36.43 4.31
N ILE H 55 -15.02 -35.52 3.60
CA ILE H 55 -16.06 -34.69 4.18
C ILE H 55 -17.27 -34.72 3.26
N PHE H 56 -18.45 -34.85 3.87
CA PHE H 56 -19.73 -34.75 3.18
C PHE H 56 -20.59 -33.76 3.94
N SER H 57 -21.01 -32.70 3.26
CA SER H 57 -21.88 -31.68 3.83
C SER H 57 -21.35 -31.18 5.17
N ARG H 58 -20.10 -30.71 5.12
CA ARG H 58 -19.40 -30.12 6.26
C ARG H 58 -19.24 -31.10 7.42
N LYS H 59 -19.39 -32.40 7.19
CA LYS H 59 -19.26 -33.40 8.23
C LYS H 59 -18.12 -34.36 7.90
N ARG H 60 -17.21 -34.53 8.85
CA ARG H 60 -16.09 -35.45 8.67
C ARG H 60 -16.60 -36.89 8.73
N LEU H 61 -16.24 -37.69 7.73
CA LEU H 61 -16.75 -39.05 7.63
C LEU H 61 -15.83 -39.99 8.38
N GLU H 62 -16.37 -40.68 9.38
CA GLU H 62 -15.56 -41.61 10.15
C GLU H 62 -15.42 -42.94 9.43
N ASP H 63 -14.27 -43.57 9.63
CA ASP H 63 -13.89 -44.70 8.79
C ASP H 63 -14.92 -45.83 8.87
N GLY H 64 -15.11 -46.41 10.05
CA GLY H 64 -15.83 -47.67 10.14
C GLY H 64 -17.31 -47.67 9.79
N ARG H 65 -17.78 -46.66 9.09
CA ARG H 65 -19.18 -46.52 8.73
C ARG H 65 -19.38 -46.55 7.21
N THR H 66 -20.64 -46.72 6.81
CA THR H 66 -21.01 -46.91 5.41
C THR H 66 -21.44 -45.56 4.80
N LEU H 67 -21.55 -45.52 3.47
CA LEU H 67 -22.07 -44.30 2.85
C LEU H 67 -23.57 -44.13 3.07
N SER H 68 -24.33 -45.22 3.18
CA SER H 68 -25.75 -45.09 3.49
C SER H 68 -25.97 -44.44 4.85
N ASP H 69 -25.05 -44.66 5.79
CA ASP H 69 -25.18 -44.06 7.10
C ASP H 69 -25.13 -42.54 7.01
N TYR H 70 -24.42 -42.00 6.02
CA TYR H 70 -24.45 -40.57 5.77
C TYR H 70 -25.40 -40.22 4.65
N ASN H 71 -26.22 -41.17 4.21
CA ASN H 71 -27.06 -41.02 3.02
C ASN H 71 -26.27 -40.34 1.91
N ILE H 72 -25.23 -41.04 1.44
CA ILE H 72 -24.43 -40.62 0.30
C ILE H 72 -24.98 -41.39 -0.90
N GLN H 73 -25.78 -40.71 -1.72
CA GLN H 73 -26.53 -41.34 -2.79
C GLN H 73 -25.79 -41.24 -4.11
N LYS H 74 -26.44 -41.69 -5.18
CA LYS H 74 -25.90 -41.56 -6.52
C LYS H 74 -25.54 -40.11 -6.81
N GLU H 75 -24.43 -39.92 -7.51
CA GLU H 75 -23.98 -38.60 -7.96
C GLU H 75 -23.89 -37.58 -6.80
N SER H 76 -23.57 -38.07 -5.61
CA SER H 76 -23.23 -37.19 -4.51
C SER H 76 -21.77 -36.76 -4.62
N THR H 77 -21.45 -35.67 -3.92
CA THR H 77 -20.10 -35.11 -3.98
C THR H 77 -19.49 -35.07 -2.60
N LEU H 78 -18.38 -35.78 -2.43
CA LEU H 78 -17.56 -35.72 -1.23
C LEU H 78 -16.40 -34.76 -1.46
N ARG H 79 -15.74 -34.38 -0.36
CA ARG H 79 -14.56 -33.53 -0.38
C ARG H 79 -13.38 -34.29 0.22
N LEU H 80 -12.30 -34.31 -0.52
CA LEU H 80 -11.07 -34.96 -0.09
C LEU H 80 -10.11 -33.86 0.37
N VAL H 81 -9.63 -33.99 1.59
CA VAL H 81 -8.60 -33.13 2.15
C VAL H 81 -7.40 -34.02 2.45
N LEU H 82 -6.24 -33.65 1.90
CA LEU H 82 -5.02 -34.39 2.09
C LEU H 82 -4.33 -33.89 3.35
N VAL H 83 -4.00 -34.79 4.27
CA VAL H 83 -3.36 -34.37 5.53
C VAL H 83 -2.01 -35.04 5.73
N PHE H 84 -1.37 -34.76 6.86
CA PHE H 84 -0.01 -35.22 7.09
C PHE H 84 0.00 -36.67 7.62
N GLY H 85 1.15 -37.30 7.50
CA GLY H 85 1.31 -38.66 8.00
C GLY H 85 1.35 -38.76 9.51
N ARG H 86 2.22 -39.61 10.02
CA ARG H 86 2.32 -39.82 11.46
C ARG H 86 3.70 -40.35 11.82
N SER I 2 32.19 47.42 13.07
CA SER I 2 33.24 47.75 14.03
C SER I 2 32.88 47.22 15.42
N GLY I 3 33.86 46.61 16.11
CA GLY I 3 33.61 45.86 17.33
C GLY I 3 32.23 45.24 17.35
N MET I 4 31.98 44.30 16.44
CA MET I 4 30.72 43.59 16.25
C MET I 4 30.66 42.27 16.99
N GLN I 5 29.44 41.75 17.02
CA GLN I 5 29.17 40.39 17.47
C GLN I 5 28.31 39.70 16.43
N ILE I 6 28.73 38.51 16.02
CA ILE I 6 27.96 37.67 15.11
C ILE I 6 27.65 36.34 15.81
N PHE I 7 26.80 35.54 15.16
CA PHE I 7 26.36 34.26 15.70
C PHE I 7 26.67 33.13 14.73
N VAL I 8 27.10 32.00 15.27
CA VAL I 8 27.44 30.83 14.48
C VAL I 8 26.64 29.64 15.03
N LYS I 9 25.77 29.08 14.18
CA LYS I 9 25.01 27.87 14.54
C LYS I 9 25.81 26.65 14.16
N THR I 10 25.91 25.70 15.09
CA THR I 10 26.72 24.51 14.90
C THR I 10 25.86 23.26 15.10
N ARG I 11 26.28 22.18 14.44
CA ARG I 11 25.75 20.84 14.69
C ARG I 11 26.90 19.87 14.46
N HIS I 12 27.52 19.44 15.55
CA HIS I 12 28.68 18.58 15.41
C HIS I 12 28.83 17.78 16.69
N SER I 13 29.78 16.85 16.68
CA SER I 13 30.04 15.94 17.79
C SER I 13 31.44 16.09 18.35
N TYR I 14 32.09 17.24 18.11
CA TYR I 14 33.50 17.38 18.42
C TYR I 14 33.76 17.43 19.92
N LYS I 15 32.80 17.93 20.70
CA LYS I 15 33.02 18.15 22.12
C LYS I 15 33.28 16.84 22.84
N HIS I 16 32.33 15.91 22.77
CA HIS I 16 32.52 14.63 23.45
C HIS I 16 32.30 13.43 22.55
N GLY I 17 31.51 13.55 21.50
CA GLY I 17 31.30 12.41 20.62
C GLY I 17 29.86 12.19 20.24
N LEU I 18 28.97 12.93 20.88
CA LEU I 18 27.55 12.93 20.57
C LEU I 18 27.23 14.18 19.80
N ILE I 19 26.40 14.04 18.75
CA ILE I 19 26.03 15.19 17.94
C ILE I 19 25.11 16.10 18.75
N GLU I 20 25.28 17.42 18.56
CA GLU I 20 24.62 18.42 19.39
C GLU I 20 24.55 19.74 18.62
N ASN I 21 23.46 20.46 18.82
CA ASN I 21 23.20 21.78 18.25
C ASN I 21 23.55 22.87 19.25
N SER I 22 24.11 23.98 18.75
CA SER I 22 24.50 25.05 19.64
C SER I 22 24.80 26.29 18.83
N THR I 23 24.36 27.45 19.33
CA THR I 23 24.72 28.74 18.75
C THR I 23 25.78 29.43 19.60
N ILE I 24 26.86 29.87 18.98
CA ILE I 24 27.92 30.55 19.70
C ILE I 24 28.03 31.99 19.22
N THR I 25 28.53 32.84 20.11
CA THR I 25 28.70 34.26 19.85
C THR I 25 30.18 34.54 19.65
N LEU I 26 30.50 35.28 18.59
CA LEU I 26 31.86 35.73 18.32
C LEU I 26 31.88 37.25 18.32
N GLU I 27 32.97 37.82 18.80
CA GLU I 27 33.20 39.25 18.64
C GLU I 27 34.18 39.43 17.50
N VAL I 28 33.80 40.25 16.51
CA VAL I 28 34.50 40.31 15.24
C VAL I 28 34.55 41.75 14.75
N GLU I 29 35.47 42.00 13.81
CA GLU I 29 35.44 43.21 13.02
C GLU I 29 34.99 42.92 11.60
N PRO I 30 34.31 43.87 10.95
CA PRO I 30 34.00 43.69 9.53
C PRO I 30 35.22 43.50 8.67
N SER I 31 36.37 44.03 9.09
CA SER I 31 37.63 43.82 8.37
C SER I 31 38.14 42.39 8.47
N ASP I 32 37.61 41.60 9.41
CA ASP I 32 38.17 40.28 9.67
C ASP I 32 38.01 39.35 8.47
N THR I 33 39.06 38.59 8.18
CA THR I 33 39.02 37.62 7.12
C THR I 33 38.34 36.34 7.59
N ILE I 34 37.89 35.54 6.63
CA ILE I 34 37.23 34.28 6.98
C ILE I 34 38.18 33.33 7.69
N GLU I 35 39.46 33.35 7.33
CA GLU I 35 40.44 32.52 8.05
C GLU I 35 40.49 32.89 9.52
N ASN I 36 40.59 34.19 9.82
CA ASN I 36 40.66 34.62 11.22
C ASN I 36 39.39 34.29 11.97
N VAL I 37 38.24 34.44 11.32
CA VAL I 37 37.01 34.03 11.98
C VAL I 37 37.08 32.54 12.33
N LYS I 38 37.59 31.72 11.41
CA LYS I 38 37.72 30.30 11.75
C LYS I 38 38.70 30.08 12.89
N ALA I 39 39.75 30.90 12.98
CA ALA I 39 40.67 30.78 14.11
C ALA I 39 39.99 31.16 15.42
N LYS I 40 39.05 32.11 15.40
CA LYS I 40 38.35 32.44 16.63
C LYS I 40 37.37 31.34 17.02
N ILE I 41 36.85 30.59 16.05
CA ILE I 41 36.05 29.42 16.38
C ILE I 41 36.94 28.33 16.98
N GLN I 42 38.16 28.20 16.47
CA GLN I 42 39.12 27.25 17.04
C GLN I 42 39.46 27.63 18.49
N ASP I 43 39.38 28.92 18.84
CA ASP I 43 39.65 29.32 20.20
C ASP I 43 38.53 28.89 21.14
N LYS I 44 37.29 29.02 20.68
CA LYS I 44 36.15 28.67 21.53
C LYS I 44 35.80 27.20 21.47
N GLU I 45 36.07 26.53 20.34
CA GLU I 45 35.60 25.17 20.12
C GLU I 45 36.69 24.14 19.98
N GLY I 46 37.94 24.53 19.73
CA GLY I 46 39.02 23.59 19.56
C GLY I 46 39.07 22.90 18.21
N ILE I 47 38.19 23.27 17.28
CA ILE I 47 38.14 22.65 15.96
C ILE I 47 39.15 23.37 15.06
N PRO I 48 40.11 22.67 14.48
CA PRO I 48 41.08 23.33 13.62
C PRO I 48 40.41 23.90 12.39
N PRO I 49 40.89 25.06 11.89
CA PRO I 49 40.21 25.74 10.78
C PRO I 49 40.12 24.92 9.51
N ASP I 50 41.02 23.97 9.28
CA ASP I 50 40.95 23.11 8.11
C ASP I 50 39.80 22.12 8.19
N GLN I 51 39.09 22.05 9.32
CA GLN I 51 37.91 21.21 9.44
C GLN I 51 36.64 22.04 9.54
N GLN I 52 36.75 23.36 9.32
CA GLN I 52 35.58 24.24 9.34
C GLN I 52 35.24 24.68 7.94
N VAL I 53 33.94 24.72 7.67
CA VAL I 53 33.38 25.37 6.49
C VAL I 53 32.26 26.25 7.01
N LEU I 54 32.27 27.50 6.60
CA LEU I 54 31.28 28.46 7.06
C LEU I 54 30.37 28.87 5.91
N ILE I 55 29.11 29.10 6.25
CA ILE I 55 28.11 29.44 5.27
C ILE I 55 27.32 30.63 5.78
N PHE I 56 27.03 31.57 4.89
CA PHE I 56 26.15 32.69 5.18
C PHE I 56 25.12 32.74 4.07
N SER I 57 23.84 32.60 4.45
CA SER I 57 22.72 32.68 3.52
C SER I 57 22.95 31.77 2.31
N ARG I 58 23.19 30.49 2.61
CA ARG I 58 23.42 29.43 1.63
C ARG I 58 24.64 29.65 0.74
N LYS I 59 25.58 30.54 1.10
CA LYS I 59 26.78 30.77 0.30
C LYS I 59 28.01 30.42 1.13
N ARG I 60 28.87 29.54 0.57
CA ARG I 60 30.09 29.11 1.25
C ARG I 60 31.09 30.26 1.28
N LEU I 61 31.65 30.52 2.46
CA LEU I 61 32.53 31.66 2.64
C LEU I 61 33.96 31.27 2.29
N GLU I 62 34.54 32.00 1.36
CA GLU I 62 35.90 31.74 0.91
C GLU I 62 36.88 32.36 1.89
N ASP I 63 38.03 31.70 2.05
CA ASP I 63 38.95 32.04 3.12
C ASP I 63 39.44 33.48 3.00
N GLY I 64 40.18 33.78 1.93
CA GLY I 64 40.90 35.04 1.90
C GLY I 64 40.08 36.32 1.82
N ARG I 65 38.78 36.26 2.12
CA ARG I 65 37.94 37.45 1.99
C ARG I 65 37.34 37.79 3.35
N THR I 66 36.74 38.99 3.43
CA THR I 66 36.27 39.57 4.67
C THR I 66 34.78 39.36 4.89
N LEU I 67 34.33 39.63 6.14
CA LEU I 67 32.91 39.58 6.41
C LEU I 67 32.17 40.73 5.72
N SER I 68 32.82 41.87 5.54
CA SER I 68 32.23 42.95 4.75
C SER I 68 32.07 42.55 3.29
N ASP I 69 32.94 41.67 2.78
CA ASP I 69 32.79 41.23 1.39
C ASP I 69 31.51 40.44 1.19
N TYR I 70 31.04 39.73 2.23
CA TYR I 70 29.76 39.01 2.19
C TYR I 70 28.64 39.80 2.85
N ASN I 71 28.86 41.08 3.13
CA ASN I 71 27.96 41.95 3.87
C ASN I 71 27.35 41.20 5.07
N ILE I 72 28.24 40.80 5.98
CA ILE I 72 27.87 40.16 7.24
C ILE I 72 27.91 41.24 8.30
N GLN I 73 26.72 41.71 8.72
CA GLN I 73 26.61 42.87 9.59
C GLN I 73 26.49 42.45 11.04
N LYS I 74 26.23 43.43 11.91
CA LYS I 74 26.02 43.17 13.33
C LYS I 74 24.94 42.11 13.52
N GLU I 75 25.13 41.24 14.51
CA GLU I 75 24.14 40.22 14.89
C GLU I 75 23.70 39.38 13.69
N SER I 76 24.58 39.19 12.72
CA SER I 76 24.30 38.25 11.65
C SER I 76 24.57 36.83 12.14
N THR I 77 23.95 35.87 11.46
CA THR I 77 24.05 34.48 11.86
C THR I 77 24.67 33.67 10.73
N LEU I 78 25.84 33.09 11.00
CA LEU I 78 26.56 32.19 10.11
C LEU I 78 26.24 30.74 10.50
N ARG I 79 26.57 29.81 9.60
CA ARG I 79 26.38 28.38 9.82
C ARG I 79 27.72 27.67 9.75
N LEU I 80 28.05 26.88 10.78
CA LEU I 80 29.31 26.14 10.82
C LEU I 80 29.05 24.67 10.55
N VAL I 81 29.74 24.13 9.55
CA VAL I 81 29.69 22.71 9.20
C VAL I 81 31.08 22.12 9.42
N LEU I 82 31.14 21.04 10.19
CA LEU I 82 32.36 20.34 10.50
C LEU I 82 32.63 19.27 9.44
N VAL I 83 33.81 19.36 8.78
CA VAL I 83 34.25 18.45 7.73
C VAL I 83 35.60 17.84 8.06
N PHE I 84 36.11 17.00 7.17
CA PHE I 84 37.40 16.32 7.35
C PHE I 84 38.52 17.15 6.72
N GLY I 85 39.75 16.74 7.00
CA GLY I 85 40.94 17.36 6.41
C GLY I 85 41.45 16.66 5.16
#